data_4K1Z
#
_entry.id   4K1Z
#
_cell.length_a   107.810
_cell.length_b   107.810
_cell.length_c   157.910
_cell.angle_alpha   90.00
_cell.angle_beta   90.00
_cell.angle_gamma   90.00
#
_symmetry.space_group_name_H-M   'P 41 21 2'
#
loop_
_entity.id
_entity.type
_entity.pdbx_description
1 polymer 'Canavalia boliviana lectin'
2 branched 'alpha-D-mannopyranose-(1-4)-methyl alpha-D-mannopyranoside'
3 non-polymer 'MANGANESE (II) ION'
4 non-polymer 'CALCIUM ION'
5 non-polymer 'CADMIUM ION'
6 non-polymer 'CHLORIDE ION'
7 water water
#
_entity_poly.entity_id   1
_entity_poly.type   'polypeptide(L)'
_entity_poly.pdbx_seq_one_letter_code
;ADTIVAVELDTYPNTDIGDPSYPHIGIDIKSVRSKKTAKWNMQNGKVGTAHIIYNSVGKRLSAVVSYPNGDSATVSYDVD
LDNVLPEWVRVGLSATTGLYKETNTILSWSFTSKLKSNSTHETNALHFMFNQFSKDQKDLILQGDATTGRDGNLELTRVS
SNGSPQGSSVGRALFYAPVHIWESSAVVASFDATFTFLIKSSDSHPADGIAFFISNIDSSIPSGSTGRLLGLFPDAN
;
_entity_poly.pdbx_strand_id   A,B,C,D
#
# COMPACT_ATOMS: atom_id res chain seq x y z
N ALA A 1 2.59 -24.72 26.32
CA ALA A 1 1.36 -23.93 26.29
C ALA A 1 1.41 -22.85 25.20
N ASP A 2 1.41 -23.28 23.95
CA ASP A 2 1.30 -22.35 22.84
C ASP A 2 -0.02 -21.60 22.92
N THR A 3 -0.04 -20.37 22.39
CA THR A 3 -1.25 -19.58 22.28
C THR A 3 -1.67 -19.49 20.82
N ILE A 4 -2.90 -19.90 20.53
CA ILE A 4 -3.37 -19.93 19.15
C ILE A 4 -4.69 -19.21 18.99
N VAL A 5 -4.71 -18.26 18.05
CA VAL A 5 -5.96 -17.72 17.55
C VAL A 5 -6.01 -18.08 16.07
N ALA A 6 -7.14 -18.61 15.62
CA ALA A 6 -7.21 -19.11 14.27
C ALA A 6 -8.58 -18.95 13.65
N VAL A 7 -8.60 -18.85 12.32
CA VAL A 7 -9.82 -19.00 11.55
C VAL A 7 -9.68 -20.30 10.76
N GLU A 8 -10.62 -21.22 10.98
CA GLU A 8 -10.53 -22.54 10.37
C GLU A 8 -11.49 -22.75 9.21
N LEU A 9 -10.97 -23.26 8.10
CA LEU A 9 -11.80 -23.80 7.04
C LEU A 9 -11.87 -25.28 7.29
N ASP A 10 -12.91 -25.70 7.99
CA ASP A 10 -13.02 -27.07 8.47
C ASP A 10 -13.91 -27.90 7.56
N THR A 11 -13.28 -28.83 6.83
CA THR A 11 -13.99 -29.59 5.81
C THR A 11 -14.65 -30.86 6.32
N TYR A 12 -14.33 -31.28 7.53
CA TYR A 12 -14.81 -32.55 8.04
C TYR A 12 -15.45 -32.46 9.43
N PRO A 13 -16.76 -32.69 9.52
CA PRO A 13 -17.47 -32.52 10.79
C PRO A 13 -17.06 -33.55 11.84
N ASN A 14 -16.31 -33.14 12.85
CA ASN A 14 -16.03 -34.01 13.99
C ASN A 14 -17.01 -33.71 15.12
N THR A 15 -18.17 -34.35 15.07
CA THR A 15 -19.24 -34.03 16.02
C THR A 15 -18.92 -34.49 17.44
N ASP A 16 -18.01 -35.44 17.58
CA ASP A 16 -17.58 -35.91 18.90
C ASP A 16 -16.80 -34.86 19.67
N ILE A 17 -16.29 -33.83 18.98
CA ILE A 17 -15.56 -32.76 19.64
C ILE A 17 -16.17 -31.39 19.38
N GLY A 18 -17.47 -31.36 19.11
CA GLY A 18 -18.20 -30.11 19.07
C GLY A 18 -18.35 -29.44 17.72
N ASP A 19 -17.81 -30.04 16.66
CA ASP A 19 -18.05 -29.49 15.33
C ASP A 19 -19.53 -29.48 15.00
N PRO A 20 -19.98 -28.48 14.24
CA PRO A 20 -21.31 -28.60 13.66
C PRO A 20 -21.31 -29.78 12.70
N SER A 21 -22.48 -30.23 12.27
CA SER A 21 -22.58 -31.46 11.49
C SER A 21 -22.25 -31.31 10.01
N TYR A 22 -21.77 -30.14 9.63
CA TYR A 22 -21.46 -29.84 8.22
C TYR A 22 -20.10 -29.17 8.13
N PRO A 23 -19.51 -29.13 6.92
CA PRO A 23 -18.30 -28.33 6.77
C PRO A 23 -18.60 -26.90 7.20
N HIS A 24 -17.59 -26.18 7.64
CA HIS A 24 -17.83 -24.88 8.25
C HIS A 24 -16.58 -24.04 8.37
N ILE A 25 -16.78 -22.73 8.45
CA ILE A 25 -15.73 -21.82 8.86
C ILE A 25 -15.92 -21.52 10.34
N GLY A 26 -14.80 -21.37 11.06
CA GLY A 26 -14.86 -21.18 12.49
C GLY A 26 -13.81 -20.21 12.99
N ILE A 27 -14.14 -19.55 14.10
CA ILE A 27 -13.19 -18.70 14.78
C ILE A 27 -12.76 -19.39 16.07
N ASP A 28 -11.49 -19.76 16.13
CA ASP A 28 -10.94 -20.51 17.25
C ASP A 28 -10.10 -19.61 18.15
N ILE A 29 -10.50 -19.51 19.41
CA ILE A 29 -9.73 -18.76 20.38
C ILE A 29 -9.12 -19.74 21.39
N LYS A 30 -7.87 -20.13 21.14
CA LYS A 30 -7.12 -21.01 22.02
C LYS A 30 -7.70 -22.43 22.14
N SER A 31 -8.70 -22.74 21.32
CA SER A 31 -9.30 -24.07 21.35
C SER A 31 -9.81 -24.50 19.98
N VAL A 32 -9.69 -25.79 19.70
CA VAL A 32 -10.23 -26.33 18.46
C VAL A 32 -11.76 -26.26 18.42
N ARG A 33 -12.39 -26.09 19.59
CA ARG A 33 -13.83 -25.90 19.64
C ARG A 33 -14.19 -24.44 19.38
N SER A 34 -14.45 -24.13 18.11
CA SER A 34 -14.72 -22.77 17.67
C SER A 34 -15.65 -22.00 18.61
N LYS A 35 -15.30 -20.76 18.91
CA LYS A 35 -16.20 -19.88 19.65
C LYS A 35 -17.39 -19.49 18.76
N LYS A 36 -17.19 -19.54 17.44
CA LYS A 36 -18.23 -19.16 16.50
C LYS A 36 -18.02 -19.90 15.17
N THR A 37 -19.10 -20.43 14.59
CA THR A 37 -19.00 -21.06 13.27
C THR A 37 -20.12 -20.62 12.34
N ALA A 38 -19.93 -20.89 11.05
CA ALA A 38 -20.96 -20.71 10.04
C ALA A 38 -20.88 -21.84 9.03
N LYS A 39 -22.03 -22.25 8.50
CA LYS A 39 -22.08 -23.33 7.52
C LYS A 39 -21.28 -22.94 6.29
N TRP A 40 -20.50 -23.88 5.77
CA TRP A 40 -19.65 -23.62 4.61
C TRP A 40 -19.79 -24.70 3.55
N ASN A 41 -20.23 -24.31 2.36
CA ASN A 41 -20.33 -25.24 1.24
C ASN A 41 -19.02 -25.32 0.46
N MET A 42 -18.18 -26.28 0.83
CA MET A 42 -16.89 -26.45 0.18
C MET A 42 -17.08 -26.96 -1.24
N GLN A 43 -16.51 -26.25 -2.21
CA GLN A 43 -16.60 -26.66 -3.61
C GLN A 43 -15.34 -27.40 -4.06
N ASN A 44 -15.47 -28.70 -4.23
CA ASN A 44 -14.34 -29.57 -4.54
C ASN A 44 -13.68 -29.20 -5.87
N GLY A 45 -12.37 -28.98 -5.84
CA GLY A 45 -11.63 -28.67 -7.04
C GLY A 45 -11.70 -27.21 -7.47
N LYS A 46 -12.41 -26.40 -6.70
CA LYS A 46 -12.50 -24.97 -7.03
C LYS A 46 -11.52 -24.16 -6.19
N VAL A 47 -11.06 -23.04 -6.75
CA VAL A 47 -10.18 -22.15 -6.03
C VAL A 47 -11.01 -21.23 -5.11
N GLY A 48 -10.76 -21.34 -3.82
CA GLY A 48 -11.46 -20.51 -2.85
C GLY A 48 -10.61 -19.35 -2.37
N THR A 49 -11.26 -18.30 -1.90
CA THR A 49 -10.56 -17.17 -1.30
C THR A 49 -11.06 -16.92 0.11
N ALA A 50 -10.13 -16.75 1.04
CA ALA A 50 -10.47 -16.41 2.41
C ALA A 50 -9.96 -15.02 2.79
N HIS A 51 -10.82 -14.23 3.41
CA HIS A 51 -10.45 -12.91 3.92
C HIS A 51 -10.63 -12.87 5.44
N ILE A 52 -9.57 -12.49 6.16
CA ILE A 52 -9.64 -12.35 7.61
C ILE A 52 -9.43 -10.88 7.98
N ILE A 53 -10.29 -10.35 8.84
CA ILE A 53 -10.26 -8.93 9.19
C ILE A 53 -10.40 -8.69 10.68
N TYR A 54 -9.60 -7.78 11.22
CA TYR A 54 -9.70 -7.39 12.61
C TYR A 54 -9.18 -5.97 12.88
N ASN A 55 -9.83 -5.25 13.80
CA ASN A 55 -9.23 -4.03 14.34
C ASN A 55 -9.54 -3.87 15.83
N SER A 56 -8.59 -3.30 16.56
CA SER A 56 -8.68 -3.19 18.01
C SER A 56 -9.75 -2.20 18.47
N VAL A 57 -10.31 -1.44 17.54
CA VAL A 57 -11.33 -0.45 17.89
C VAL A 57 -12.70 -1.13 17.94
N GLY A 58 -13.10 -1.74 16.83
CA GLY A 58 -14.33 -2.49 16.77
C GLY A 58 -14.30 -3.76 17.62
N LYS A 59 -13.11 -4.34 17.77
CA LYS A 59 -12.91 -5.56 18.57
C LYS A 59 -13.74 -6.72 18.03
N ARG A 60 -13.75 -6.88 16.71
CA ARG A 60 -14.50 -7.95 16.10
C ARG A 60 -13.67 -8.66 15.05
N LEU A 61 -13.43 -9.94 15.26
CA LEU A 61 -12.68 -10.75 14.31
C LEU A 61 -13.66 -11.34 13.30
N SER A 62 -13.50 -10.96 12.04
CA SER A 62 -14.41 -11.42 10.99
C SER A 62 -13.68 -12.18 9.88
N ALA A 63 -14.33 -13.22 9.38
CA ALA A 63 -13.81 -14.00 8.28
C ALA A 63 -14.90 -14.23 7.24
N VAL A 64 -14.49 -14.30 5.98
CA VAL A 64 -15.40 -14.66 4.89
C VAL A 64 -14.65 -15.55 3.91
N VAL A 65 -15.30 -16.60 3.45
CA VAL A 65 -14.72 -17.48 2.44
C VAL A 65 -15.67 -17.53 1.24
N SER A 66 -15.11 -17.41 0.04
CA SER A 66 -15.94 -17.34 -1.16
C SER A 66 -15.35 -18.08 -2.34
N TYR A 67 -16.20 -18.38 -3.32
CA TYR A 67 -15.79 -19.01 -4.56
C TYR A 67 -16.22 -18.14 -5.74
N PRO A 68 -15.59 -18.32 -6.90
CA PRO A 68 -15.96 -17.55 -8.10
C PRO A 68 -17.46 -17.64 -8.34
N ASN A 69 -18.05 -18.73 -7.85
CA ASN A 69 -19.48 -18.97 -7.86
C ASN A 69 -20.30 -17.77 -7.38
N GLY A 70 -19.76 -17.07 -6.38
CA GLY A 70 -20.49 -16.00 -5.73
C GLY A 70 -21.03 -16.45 -4.39
N ASP A 71 -20.99 -17.76 -4.15
CA ASP A 71 -21.40 -18.30 -2.87
C ASP A 71 -20.31 -18.02 -1.83
N SER A 72 -20.73 -17.72 -0.61
CA SER A 72 -19.79 -17.36 0.44
C SER A 72 -20.34 -17.61 1.83
N ALA A 73 -19.44 -17.89 2.77
CA ALA A 73 -19.81 -18.03 4.17
C ALA A 73 -19.07 -16.98 4.99
N THR A 74 -19.75 -16.44 6.01
CA THR A 74 -19.17 -15.40 6.83
C THR A 74 -19.37 -15.71 8.30
N VAL A 75 -18.34 -15.42 9.11
CA VAL A 75 -18.40 -15.61 10.55
C VAL A 75 -17.69 -14.45 11.25
N SER A 76 -18.31 -13.92 12.28
CA SER A 76 -17.73 -12.83 13.07
C SER A 76 -17.78 -13.16 14.56
N TYR A 77 -16.79 -12.70 15.30
CA TYR A 77 -16.74 -12.95 16.73
C TYR A 77 -16.19 -11.75 17.48
N ASP A 78 -16.91 -11.30 18.50
CA ASP A 78 -16.47 -10.15 19.28
C ASP A 78 -15.41 -10.58 20.28
N VAL A 79 -14.23 -9.97 20.16
CA VAL A 79 -13.11 -10.31 21.03
C VAL A 79 -12.02 -9.24 20.98
N ASP A 80 -11.47 -8.94 22.15
CA ASP A 80 -10.35 -8.02 22.29
C ASP A 80 -9.08 -8.84 22.24
N LEU A 81 -8.45 -8.90 21.08
CA LEU A 81 -7.34 -9.83 20.87
C LEU A 81 -6.08 -9.50 21.67
N ASP A 82 -5.92 -8.25 22.10
CA ASP A 82 -4.76 -7.93 22.91
C ASP A 82 -4.95 -8.41 24.35
N ASN A 83 -6.12 -8.97 24.64
CA ASN A 83 -6.32 -9.68 25.91
C ASN A 83 -5.95 -11.15 25.76
N VAL A 84 -5.79 -11.59 24.52
CA VAL A 84 -5.59 -13.01 24.24
C VAL A 84 -4.17 -13.30 23.77
N LEU A 85 -3.71 -12.55 22.78
CA LEU A 85 -2.41 -12.80 22.16
C LEU A 85 -1.28 -12.09 22.90
N PRO A 86 -0.08 -12.67 22.85
CA PRO A 86 1.09 -11.92 23.33
C PRO A 86 1.39 -10.74 22.40
N GLU A 87 2.21 -9.80 22.87
CA GLU A 87 2.52 -8.61 22.10
C GLU A 87 3.15 -8.94 20.75
N TRP A 88 4.08 -9.91 20.76
CA TRP A 88 4.73 -10.37 19.53
C TRP A 88 4.26 -11.77 19.15
N VAL A 89 3.95 -11.96 17.87
CA VAL A 89 3.45 -13.23 17.37
C VAL A 89 4.12 -13.64 16.07
N ARG A 90 3.84 -14.85 15.62
CA ARG A 90 4.06 -15.21 14.23
C ARG A 90 2.73 -15.54 13.59
N VAL A 91 2.64 -15.38 12.28
CA VAL A 91 1.42 -15.70 11.55
C VAL A 91 1.72 -16.82 10.56
N GLY A 92 0.74 -17.70 10.35
CA GLY A 92 0.97 -18.86 9.51
C GLY A 92 -0.28 -19.47 8.93
N LEU A 93 -0.09 -20.48 8.10
CA LEU A 93 -1.19 -21.27 7.58
C LEU A 93 -0.94 -22.72 7.97
N SER A 94 -1.99 -23.42 8.33
CA SER A 94 -1.88 -24.82 8.73
C SER A 94 -2.93 -25.68 8.04
N ALA A 95 -2.64 -26.96 7.86
CA ALA A 95 -3.61 -27.89 7.31
C ALA A 95 -3.28 -29.32 7.71
N THR A 96 -4.29 -30.18 7.70
CA THR A 96 -4.09 -31.58 8.03
C THR A 96 -4.97 -32.49 7.19
N THR A 97 -4.58 -33.75 7.17
CA THR A 97 -5.45 -34.83 6.72
C THR A 97 -5.46 -35.84 7.86
N GLY A 98 -6.45 -36.72 7.86
CA GLY A 98 -6.54 -37.74 8.89
C GLY A 98 -6.72 -39.10 8.25
N LEU A 99 -7.75 -39.82 8.70
CA LEU A 99 -8.15 -41.04 8.02
C LEU A 99 -8.56 -40.67 6.59
N TYR A 100 -9.28 -39.56 6.47
CA TYR A 100 -9.65 -39.04 5.17
C TYR A 100 -8.70 -37.92 4.78
N LYS A 101 -8.74 -37.50 3.52
CA LYS A 101 -7.72 -36.62 3.00
C LYS A 101 -8.21 -35.72 1.87
N GLU A 102 -7.39 -34.73 1.54
CA GLU A 102 -7.70 -33.75 0.52
C GLU A 102 -6.38 -33.05 0.22
N THR A 103 -6.31 -32.33 -0.90
CA THR A 103 -5.17 -31.46 -1.12
C THR A 103 -5.40 -30.19 -0.29
N ASN A 104 -4.32 -29.69 0.30
CA ASN A 104 -4.39 -28.42 1.01
C ASN A 104 -3.40 -27.46 0.36
N THR A 105 -3.78 -26.98 -0.81
CA THR A 105 -2.88 -26.22 -1.66
C THR A 105 -3.17 -24.73 -1.57
N ILE A 106 -2.14 -23.95 -1.23
CA ILE A 106 -2.26 -22.51 -1.12
C ILE A 106 -1.65 -21.86 -2.36
N LEU A 107 -2.43 -21.00 -3.02
CA LEU A 107 -2.00 -20.37 -4.26
C LEU A 107 -1.49 -18.96 -4.01
N SER A 108 -2.01 -18.32 -2.96
CA SER A 108 -1.54 -17.02 -2.53
C SER A 108 -1.85 -16.78 -1.07
N TRP A 109 -1.12 -15.86 -0.47
CA TRP A 109 -1.27 -15.51 0.93
C TRP A 109 -0.72 -14.10 1.14
N SER A 110 -1.55 -13.19 1.63
CA SER A 110 -1.07 -11.87 1.95
C SER A 110 -1.45 -11.50 3.37
N PHE A 111 -0.67 -10.62 3.98
CA PHE A 111 -0.93 -10.20 5.35
C PHE A 111 -0.50 -8.75 5.56
N THR A 112 -1.27 -8.01 6.35
CA THR A 112 -0.94 -6.64 6.70
C THR A 112 -1.26 -6.34 8.16
N SER A 113 -0.28 -5.83 8.89
CA SER A 113 -0.48 -5.43 10.28
C SER A 113 -0.09 -3.96 10.45
N LYS A 114 -0.92 -3.20 11.16
CA LYS A 114 -0.60 -1.80 11.41
C LYS A 114 -0.77 -1.47 12.88
N LEU A 115 0.14 -0.65 13.39
CA LEU A 115 0.03 -0.08 14.73
C LEU A 115 0.11 1.44 14.63
N LYS A 116 -1.03 2.10 14.83
CA LYS A 116 -1.08 3.56 14.78
C LYS A 116 -1.12 4.11 16.19
N SER A 117 -0.11 4.87 16.56
CA SER A 117 0.00 5.37 17.93
C SER A 117 -0.70 6.73 18.11
N ASN A 118 -0.72 7.19 19.36
CA ASN A 118 -1.26 8.50 19.67
C ASN A 118 -0.33 9.61 19.21
N SER A 119 0.97 9.30 19.13
CA SER A 119 1.95 10.20 18.54
C SER A 119 1.54 10.49 17.09
N THR A 120 1.29 11.77 16.80
CA THR A 120 0.75 12.19 15.51
C THR A 120 1.58 11.69 14.33
N HIS A 121 0.94 10.96 13.42
CA HIS A 121 1.56 10.49 12.18
C HIS A 121 2.63 9.41 12.35
N GLU A 122 2.57 8.66 13.45
CA GLU A 122 3.53 7.59 13.67
C GLU A 122 2.88 6.21 13.58
N THR A 123 3.28 5.45 12.56
CA THR A 123 2.75 4.12 12.35
C THR A 123 3.88 3.13 12.18
N ASN A 124 3.77 1.98 12.85
CA ASN A 124 4.55 0.81 12.50
C ASN A 124 3.68 -0.11 11.64
N ALA A 125 4.28 -0.69 10.61
CA ALA A 125 3.51 -1.56 9.70
C ALA A 125 4.34 -2.72 9.18
N LEU A 126 3.66 -3.82 8.91
CA LEU A 126 4.26 -4.96 8.24
C LEU A 126 3.28 -5.46 7.18
N HIS A 127 3.78 -5.67 5.97
CA HIS A 127 2.97 -6.23 4.90
C HIS A 127 3.79 -7.21 4.08
N PHE A 128 3.22 -8.38 3.81
CA PHE A 128 3.81 -9.28 2.84
C PHE A 128 2.76 -9.88 1.92
N MET A 129 3.21 -10.33 0.75
CA MET A 129 2.31 -10.94 -0.21
C MET A 129 3.06 -12.02 -0.99
N PHE A 130 2.48 -13.22 -1.00
CA PHE A 130 3.01 -14.32 -1.78
C PHE A 130 1.98 -14.71 -2.82
N ASN A 131 2.29 -14.48 -4.09
CA ASN A 131 1.48 -15.00 -5.18
C ASN A 131 2.18 -16.15 -5.86
N GLN A 132 3.36 -16.47 -5.36
CA GLN A 132 4.19 -17.50 -5.96
C GLN A 132 5.14 -18.03 -4.88
N PHE A 133 5.23 -19.34 -4.77
CA PHE A 133 6.10 -19.96 -3.77
C PHE A 133 7.17 -20.79 -4.47
N SER A 134 8.43 -20.42 -4.29
CA SER A 134 9.52 -21.17 -4.92
C SER A 134 10.02 -22.29 -4.01
N LYS A 135 10.81 -23.20 -4.59
CA LYS A 135 11.26 -24.40 -3.89
C LYS A 135 12.00 -24.08 -2.60
N ASP A 136 12.73 -22.97 -2.61
CA ASP A 136 13.48 -22.54 -1.43
C ASP A 136 12.99 -21.15 -1.02
N GLN A 137 11.83 -21.12 -0.37
CA GLN A 137 11.21 -19.88 0.06
C GLN A 137 11.76 -19.47 1.43
N LYS A 138 12.82 -18.67 1.42
CA LYS A 138 13.57 -18.40 2.64
C LYS A 138 12.84 -17.53 3.67
N ASP A 139 11.80 -16.81 3.26
CA ASP A 139 11.05 -15.99 4.21
C ASP A 139 9.83 -16.75 4.78
N LEU A 140 9.78 -18.04 4.52
CA LEU A 140 8.78 -18.92 5.12
C LEU A 140 9.42 -20.00 5.99
N ILE A 141 8.87 -20.17 7.19
CA ILE A 141 9.25 -21.29 8.05
C ILE A 141 8.28 -22.44 7.78
N LEU A 142 8.80 -23.54 7.25
CA LEU A 142 7.98 -24.69 6.92
C LEU A 142 8.09 -25.73 8.03
N GLN A 143 6.95 -26.21 8.49
CA GLN A 143 6.91 -27.23 9.54
C GLN A 143 6.11 -28.45 9.07
N GLY A 144 6.47 -29.62 9.56
CA GLY A 144 5.76 -30.84 9.18
C GLY A 144 5.94 -31.19 7.71
N ASP A 145 4.83 -31.50 7.04
CA ASP A 145 4.89 -31.96 5.65
C ASP A 145 4.78 -30.84 4.62
N ALA A 146 4.77 -29.59 5.08
CA ALA A 146 4.63 -28.45 4.16
C ALA A 146 5.81 -28.35 3.21
N THR A 147 5.51 -28.10 1.93
CA THR A 147 6.54 -27.90 0.92
C THR A 147 6.12 -26.75 0.01
N THR A 148 7.10 -26.11 -0.64
CA THR A 148 6.83 -25.01 -1.56
C THR A 148 7.47 -25.29 -2.92
N GLY A 149 6.99 -24.64 -3.96
CA GLY A 149 7.58 -24.77 -5.27
C GLY A 149 6.72 -25.49 -6.30
N ARG A 150 6.01 -26.53 -5.87
CA ARG A 150 5.17 -27.28 -6.80
C ARG A 150 4.17 -26.37 -7.51
N ASP A 151 4.45 -26.09 -8.78
CA ASP A 151 3.62 -25.18 -9.56
C ASP A 151 3.61 -23.77 -8.97
N GLY A 152 4.66 -23.42 -8.26
CA GLY A 152 4.73 -22.14 -7.58
C GLY A 152 3.66 -22.05 -6.50
N ASN A 153 3.23 -23.21 -6.01
CA ASN A 153 2.24 -23.29 -4.94
C ASN A 153 2.84 -23.75 -3.62
N LEU A 154 2.08 -23.52 -2.55
CA LEU A 154 2.44 -24.01 -1.24
C LEU A 154 1.53 -25.19 -0.89
N GLU A 155 2.12 -26.37 -0.73
CA GLU A 155 1.38 -27.56 -0.35
C GLU A 155 1.56 -27.82 1.14
N LEU A 156 0.51 -27.56 1.92
CA LEU A 156 0.62 -27.68 3.37
C LEU A 156 0.75 -29.13 3.81
N THR A 157 -0.02 -30.01 3.20
CA THR A 157 0.04 -31.42 3.54
C THR A 157 0.59 -32.28 2.40
N ARG A 158 1.00 -33.49 2.72
CA ARG A 158 1.68 -34.37 1.79
C ARG A 158 0.86 -34.64 0.54
N VAL A 159 1.49 -34.44 -0.62
CA VAL A 159 0.90 -34.78 -1.91
C VAL A 159 1.87 -35.64 -2.72
N SER A 160 1.37 -36.71 -3.31
CA SER A 160 2.21 -37.62 -4.09
C SER A 160 2.59 -37.03 -5.44
N SER A 161 3.47 -37.72 -6.16
CA SER A 161 3.98 -37.23 -7.44
C SER A 161 2.88 -36.95 -8.45
N ASN A 162 1.86 -37.81 -8.47
CA ASN A 162 0.74 -37.64 -9.38
C ASN A 162 -0.23 -36.54 -8.94
N GLY A 163 -0.04 -36.05 -7.72
CA GLY A 163 -0.88 -35.01 -7.18
C GLY A 163 -1.99 -35.53 -6.27
N SER A 164 -1.78 -36.71 -5.72
CA SER A 164 -2.76 -37.32 -4.82
C SER A 164 -2.39 -37.11 -3.35
N PRO A 165 -3.34 -36.58 -2.56
CA PRO A 165 -3.15 -36.27 -1.14
C PRO A 165 -2.95 -37.52 -0.29
N GLN A 166 -2.11 -37.41 0.73
CA GLN A 166 -1.90 -38.52 1.67
C GLN A 166 -2.63 -38.26 2.98
N GLY A 167 -2.96 -39.35 3.69
CA GLY A 167 -3.64 -39.24 4.96
C GLY A 167 -2.67 -38.98 6.10
N SER A 168 -3.22 -38.70 7.28
CA SER A 168 -2.41 -38.47 8.47
C SER A 168 -1.25 -37.53 8.19
N SER A 169 -1.56 -36.38 7.60
CA SER A 169 -0.54 -35.41 7.25
C SER A 169 -0.80 -34.10 7.99
N VAL A 170 0.28 -33.40 8.34
CA VAL A 170 0.17 -32.08 8.93
C VAL A 170 1.33 -31.21 8.48
N GLY A 171 1.01 -29.98 8.09
CA GLY A 171 2.03 -29.04 7.66
C GLY A 171 1.62 -27.61 7.93
N ARG A 172 2.60 -26.75 8.22
CA ARG A 172 2.32 -25.34 8.45
C ARG A 172 3.39 -24.47 7.76
N ALA A 173 2.99 -23.27 7.39
CA ALA A 173 3.94 -22.27 6.91
C ALA A 173 3.79 -21.02 7.76
N LEU A 174 4.88 -20.58 8.37
CA LEU A 174 4.85 -19.35 9.16
C LEU A 174 5.72 -18.30 8.46
N PHE A 175 5.29 -17.05 8.49
CA PHE A 175 6.13 -15.98 8.02
C PHE A 175 7.35 -15.82 8.93
N TYR A 176 8.51 -15.58 8.32
CA TYR A 176 9.80 -15.62 9.02
C TYR A 176 9.91 -14.62 10.18
N ALA A 177 9.45 -13.40 9.96
CA ALA A 177 9.62 -12.35 10.95
C ALA A 177 8.50 -12.32 11.99
N PRO A 178 8.87 -12.10 13.26
CA PRO A 178 7.89 -11.85 14.32
C PRO A 178 7.04 -10.63 13.98
N VAL A 179 5.77 -10.69 14.33
CA VAL A 179 4.83 -9.61 14.05
C VAL A 179 4.40 -8.95 15.36
N HIS A 180 4.49 -7.62 15.39
CA HIS A 180 4.08 -6.85 16.55
C HIS A 180 2.57 -6.62 16.45
N ILE A 181 1.80 -7.49 17.07
CA ILE A 181 0.37 -7.53 16.82
C ILE A 181 -0.41 -6.46 17.61
N TRP A 182 0.10 -6.09 18.78
CA TRP A 182 -0.48 -4.98 19.51
C TRP A 182 0.59 -4.28 20.33
N GLU A 183 0.29 -3.07 20.78
CA GLU A 183 1.21 -2.28 21.58
C GLU A 183 0.38 -1.34 22.47
N SER A 184 0.74 -1.27 23.74
CA SER A 184 -0.09 -0.55 24.72
C SER A 184 -0.42 0.89 24.33
N SER A 185 0.48 1.53 23.59
CA SER A 185 0.31 2.93 23.22
C SER A 185 -0.30 3.12 21.84
N ALA A 186 -0.74 2.02 21.22
CA ALA A 186 -1.38 2.11 19.91
C ALA A 186 -2.87 2.42 20.06
N VAL A 187 -3.33 3.50 19.44
CA VAL A 187 -4.76 3.81 19.43
C VAL A 187 -5.51 2.84 18.54
N VAL A 188 -4.85 2.40 17.47
CA VAL A 188 -5.42 1.39 16.57
C VAL A 188 -4.40 0.30 16.24
N ALA A 189 -4.76 -0.93 16.57
CA ALA A 189 -4.02 -2.09 16.13
C ALA A 189 -4.95 -2.91 15.26
N SER A 190 -4.53 -3.20 14.03
CA SER A 190 -5.40 -3.95 13.12
C SER A 190 -4.58 -4.87 12.24
N PHE A 191 -5.23 -5.90 11.70
CA PHE A 191 -4.57 -6.78 10.74
C PHE A 191 -5.57 -7.36 9.74
N ASP A 192 -5.07 -7.65 8.53
CA ASP A 192 -5.86 -8.28 7.49
C ASP A 192 -5.03 -9.42 6.92
N ALA A 193 -5.70 -10.52 6.59
CA ALA A 193 -5.03 -11.61 5.90
C ALA A 193 -5.92 -12.12 4.77
N THR A 194 -5.30 -12.56 3.69
CA THR A 194 -6.02 -13.13 2.58
C THR A 194 -5.21 -14.30 2.03
N PHE A 195 -5.90 -15.37 1.67
CA PHE A 195 -5.25 -16.45 0.95
C PHE A 195 -6.22 -17.16 0.03
N THR A 196 -5.67 -17.76 -1.02
CA THR A 196 -6.46 -18.54 -1.95
C THR A 196 -6.00 -19.97 -1.83
N PHE A 197 -6.95 -20.88 -1.93
CA PHE A 197 -6.67 -22.29 -1.69
C PHE A 197 -7.38 -23.16 -2.69
N LEU A 198 -6.82 -24.33 -2.93
CA LEU A 198 -7.49 -25.35 -3.74
C LEU A 198 -7.58 -26.62 -2.92
N ILE A 199 -8.80 -26.99 -2.55
CA ILE A 199 -9.03 -28.24 -1.86
C ILE A 199 -9.74 -29.21 -2.81
N LYS A 200 -9.06 -30.30 -3.15
CA LYS A 200 -9.72 -31.35 -3.89
C LYS A 200 -9.50 -32.71 -3.27
N SER A 201 -10.48 -33.59 -3.47
CA SER A 201 -10.44 -34.94 -2.93
C SER A 201 -11.21 -35.89 -3.83
N SER A 202 -10.74 -37.12 -3.94
CA SER A 202 -11.48 -38.16 -4.64
C SER A 202 -12.18 -39.03 -3.60
N ASP A 203 -11.95 -38.74 -2.33
CA ASP A 203 -12.61 -39.45 -1.23
C ASP A 203 -14.10 -39.21 -1.22
N SER A 204 -14.81 -40.06 -0.49
CA SER A 204 -16.22 -39.83 -0.20
C SER A 204 -16.33 -38.57 0.63
N HIS A 205 -15.29 -38.30 1.40
CA HIS A 205 -15.24 -37.12 2.26
C HIS A 205 -13.84 -36.52 2.29
N PRO A 206 -13.74 -35.21 2.02
CA PRO A 206 -12.48 -34.49 2.22
C PRO A 206 -12.23 -34.24 3.71
N ALA A 207 -10.95 -34.23 4.10
CA ALA A 207 -10.56 -33.92 5.48
C ALA A 207 -9.09 -33.48 5.46
N ASP A 208 -8.68 -32.68 6.45
CA ASP A 208 -9.54 -32.23 7.54
C ASP A 208 -9.76 -30.73 7.51
N GLY A 209 -8.88 -30.01 6.82
CA GLY A 209 -9.06 -28.59 6.63
C GLY A 209 -7.81 -27.74 6.62
N ILE A 210 -8.04 -26.43 6.51
CA ILE A 210 -6.99 -25.42 6.41
C ILE A 210 -7.29 -24.32 7.42
N ALA A 211 -6.25 -23.75 8.01
CA ALA A 211 -6.44 -22.64 8.94
C ALA A 211 -5.39 -21.55 8.76
N PHE A 212 -5.84 -20.31 8.90
CA PHE A 212 -4.93 -19.19 9.15
C PHE A 212 -4.82 -19.00 10.66
N PHE A 213 -3.60 -18.83 11.16
CA PHE A 213 -3.43 -18.74 12.61
C PHE A 213 -2.39 -17.72 13.04
N ILE A 214 -2.53 -17.31 14.29
CA ILE A 214 -1.60 -16.40 14.94
C ILE A 214 -1.15 -17.08 16.23
N SER A 215 0.16 -17.20 16.42
CA SER A 215 0.68 -17.92 17.59
C SER A 215 1.81 -17.18 18.28
N ASN A 216 2.15 -17.62 19.48
CA ASN A 216 3.38 -17.19 20.12
C ASN A 216 4.54 -17.48 19.16
N ILE A 217 5.60 -16.68 19.21
CA ILE A 217 6.59 -16.72 18.13
C ILE A 217 7.31 -18.06 18.00
N ASP A 218 7.46 -18.79 19.10
CA ASP A 218 8.18 -20.07 19.07
C ASP A 218 7.30 -21.28 18.75
N SER A 219 6.06 -21.02 18.37
CA SER A 219 5.09 -22.09 18.07
C SER A 219 5.61 -23.18 17.11
N SER A 220 5.36 -24.43 17.47
CA SER A 220 5.62 -25.56 16.58
C SER A 220 4.41 -26.48 16.55
N ILE A 221 4.41 -27.44 15.63
CA ILE A 221 3.28 -28.37 15.52
C ILE A 221 3.17 -29.21 16.78
N PRO A 222 1.99 -29.21 17.42
CA PRO A 222 1.79 -30.02 18.63
C PRO A 222 1.81 -31.50 18.30
N SER A 223 2.27 -32.31 19.24
CA SER A 223 2.35 -33.76 19.03
C SER A 223 0.96 -34.36 18.75
N GLY A 224 0.89 -35.22 17.74
CA GLY A 224 -0.33 -35.90 17.38
C GLY A 224 -1.48 -35.00 16.95
N SER A 225 -1.17 -33.88 16.31
CA SER A 225 -2.21 -32.91 15.96
C SER A 225 -2.61 -32.97 14.49
N THR A 226 -2.50 -34.14 13.90
CA THR A 226 -3.02 -34.36 12.56
C THR A 226 -4.52 -34.49 12.65
N GLY A 227 -5.17 -34.75 11.52
CA GLY A 227 -6.61 -34.90 11.51
C GLY A 227 -7.35 -33.72 12.10
N ARG A 228 -8.27 -34.01 13.02
CA ARG A 228 -9.23 -33.03 13.50
C ARG A 228 -8.61 -31.84 14.24
N LEU A 229 -7.38 -31.99 14.72
CA LEU A 229 -6.71 -30.92 15.47
C LEU A 229 -6.03 -29.88 14.57
N LEU A 230 -6.08 -30.10 13.27
CA LEU A 230 -5.69 -29.09 12.29
C LEU A 230 -4.24 -28.56 12.45
N GLY A 231 -3.41 -29.29 13.17
CA GLY A 231 -2.01 -28.92 13.36
C GLY A 231 -1.81 -27.75 14.31
N LEU A 232 -2.85 -27.41 15.05
CA LEU A 232 -2.85 -26.23 15.89
C LEU A 232 -2.92 -26.54 17.39
N PHE A 233 -3.73 -27.53 17.75
CA PHE A 233 -4.02 -27.80 19.14
C PHE A 233 -3.53 -29.17 19.61
N PRO A 234 -3.03 -29.23 20.85
CA PRO A 234 -2.43 -30.44 21.43
C PRO A 234 -3.50 -31.43 21.87
N ASP A 235 -4.72 -30.95 22.09
CA ASP A 235 -5.83 -31.78 22.52
C ASP A 235 -7.13 -31.21 21.96
N ALA A 236 -8.23 -31.91 22.17
CA ALA A 236 -9.50 -31.54 21.57
C ALA A 236 -10.43 -30.81 22.54
N ASN A 237 -9.88 -30.26 23.61
CA ASN A 237 -10.69 -29.60 24.63
C ASN A 237 -10.81 -28.09 24.44
N ALA B 1 33.38 -13.78 3.01
CA ALA B 1 33.37 -12.39 2.59
C ALA B 1 32.00 -11.95 2.08
N ASP B 2 31.37 -11.03 2.80
CA ASP B 2 30.03 -10.56 2.46
C ASP B 2 30.00 -9.85 1.11
N THR B 3 28.82 -9.84 0.49
CA THR B 3 28.56 -9.01 -0.69
C THR B 3 27.70 -7.81 -0.28
N ILE B 4 28.23 -6.60 -0.46
CA ILE B 4 27.55 -5.39 -0.02
C ILE B 4 27.18 -4.44 -1.14
N VAL B 5 25.91 -4.02 -1.17
CA VAL B 5 25.50 -2.87 -1.95
C VAL B 5 25.02 -1.84 -0.94
N ALA B 6 25.43 -0.59 -1.09
CA ALA B 6 25.10 0.40 -0.08
C ALA B 6 24.96 1.82 -0.60
N VAL B 7 24.15 2.59 0.11
CA VAL B 7 24.11 4.02 -0.04
C VAL B 7 24.66 4.63 1.24
N GLU B 8 25.78 5.33 1.12
CA GLU B 8 26.44 5.91 2.30
C GLU B 8 26.16 7.40 2.46
N LEU B 9 25.88 7.81 3.69
CA LEU B 9 25.92 9.21 4.06
C LEU B 9 27.24 9.39 4.78
N ASP B 10 28.24 9.88 4.04
CA ASP B 10 29.61 9.89 4.54
C ASP B 10 29.94 11.27 5.08
N THR B 11 30.11 11.36 6.39
CA THR B 11 30.29 12.65 7.05
C THR B 11 31.74 13.07 7.19
N TYR B 12 32.66 12.13 6.97
CA TYR B 12 34.08 12.41 7.16
C TYR B 12 34.92 12.03 5.95
N PRO B 13 35.54 13.03 5.30
CA PRO B 13 36.34 12.73 4.10
C PRO B 13 37.62 11.96 4.41
N ASN B 14 37.65 10.69 4.04
CA ASN B 14 38.89 9.92 4.08
C ASN B 14 39.54 9.91 2.70
N THR B 15 40.28 10.96 2.41
CA THR B 15 40.82 11.18 1.06
C THR B 15 41.82 10.11 0.64
N ASP B 16 42.41 9.41 1.62
CA ASP B 16 43.41 8.39 1.32
C ASP B 16 42.81 7.09 0.79
N ILE B 17 41.49 6.93 0.95
CA ILE B 17 40.82 5.77 0.37
C ILE B 17 39.79 6.16 -0.68
N GLY B 18 40.00 7.30 -1.33
CA GLY B 18 39.21 7.66 -2.49
C GLY B 18 38.03 8.56 -2.23
N ASP B 19 37.84 8.94 -0.96
CA ASP B 19 36.79 9.90 -0.61
C ASP B 19 37.06 11.25 -1.25
N PRO B 20 36.00 11.90 -1.74
CA PRO B 20 36.15 13.31 -2.13
C PRO B 20 36.46 14.10 -0.87
N SER B 21 37.04 15.28 -1.02
CA SER B 21 37.49 16.06 0.14
C SER B 21 36.36 16.85 0.80
N TYR B 22 35.18 16.23 0.90
CA TYR B 22 34.04 16.84 1.57
C TYR B 22 33.02 15.79 1.98
N PRO B 23 32.14 16.13 2.95
CA PRO B 23 31.05 15.21 3.27
C PRO B 23 30.27 14.94 2.00
N HIS B 24 29.80 13.71 1.84
CA HIS B 24 29.19 13.33 0.57
C HIS B 24 28.26 12.16 0.76
N ILE B 25 27.38 11.96 -0.21
CA ILE B 25 26.59 10.76 -0.28
C ILE B 25 27.12 9.95 -1.45
N GLY B 26 27.11 8.64 -1.32
CA GLY B 26 27.69 7.79 -2.35
C GLY B 26 26.96 6.49 -2.56
N ILE B 27 27.12 5.93 -3.74
CA ILE B 27 26.60 4.60 -4.04
C ILE B 27 27.76 3.61 -4.09
N ASP B 28 27.75 2.66 -3.17
CA ASP B 28 28.84 1.70 -3.03
C ASP B 28 28.45 0.32 -3.57
N ILE B 29 29.21 -0.15 -4.55
CA ILE B 29 28.97 -1.48 -5.11
C ILE B 29 30.17 -2.37 -4.75
N LYS B 30 30.00 -3.18 -3.72
CA LYS B 30 31.03 -4.12 -3.26
C LYS B 30 32.35 -3.47 -2.85
N SER B 31 32.34 -2.15 -2.68
CA SER B 31 33.55 -1.44 -2.30
C SER B 31 33.22 -0.13 -1.58
N VAL B 32 34.00 0.17 -0.54
CA VAL B 32 33.87 1.43 0.20
C VAL B 32 34.19 2.62 -0.69
N ARG B 33 34.82 2.35 -1.83
CA ARG B 33 35.14 3.39 -2.80
C ARG B 33 33.97 3.58 -3.74
N SER B 34 33.09 4.53 -3.40
CA SER B 34 31.84 4.73 -4.12
C SER B 34 32.02 4.72 -5.63
N LYS B 35 31.05 4.14 -6.32
CA LYS B 35 31.01 4.19 -7.78
C LYS B 35 30.60 5.59 -8.22
N LYS B 36 29.86 6.29 -7.36
CA LYS B 36 29.33 7.60 -7.67
C LYS B 36 29.12 8.37 -6.37
N THR B 37 29.48 9.65 -6.36
CA THR B 37 29.23 10.49 -5.20
C THR B 37 28.62 11.83 -5.57
N ALA B 38 28.10 12.53 -4.57
CA ALA B 38 27.60 13.88 -4.74
C ALA B 38 27.90 14.64 -3.45
N LYS B 39 28.22 15.92 -3.58
CA LYS B 39 28.51 16.73 -2.41
C LYS B 39 27.28 16.82 -1.51
N TRP B 40 27.50 16.67 -0.22
CA TRP B 40 26.41 16.69 0.75
C TRP B 40 26.66 17.71 1.84
N ASN B 41 25.85 18.76 1.87
CA ASN B 41 25.98 19.80 2.89
C ASN B 41 25.34 19.34 4.20
N MET B 42 26.06 18.51 4.95
CA MET B 42 25.55 17.93 6.18
C MET B 42 25.26 18.99 7.25
N GLN B 43 24.07 18.91 7.85
CA GLN B 43 23.64 19.89 8.85
C GLN B 43 23.61 19.30 10.25
N ASN B 44 24.60 19.65 11.06
CA ASN B 44 24.76 19.11 12.41
C ASN B 44 23.54 19.35 13.30
N GLY B 45 23.00 18.27 13.86
CA GLY B 45 21.93 18.39 14.83
C GLY B 45 20.56 18.62 14.22
N LYS B 46 20.47 18.60 12.90
CA LYS B 46 19.18 18.71 12.22
C LYS B 46 18.70 17.34 11.78
N VAL B 47 17.38 17.16 11.71
CA VAL B 47 16.83 15.90 11.25
C VAL B 47 16.80 15.85 9.73
N GLY B 48 17.45 14.86 9.16
CA GLY B 48 17.45 14.69 7.72
C GLY B 48 16.69 13.45 7.29
N THR B 49 16.40 13.37 5.99
CA THR B 49 15.69 12.24 5.42
C THR B 49 16.42 11.72 4.19
N ALA B 50 16.61 10.40 4.13
CA ALA B 50 17.19 9.78 2.95
C ALA B 50 16.14 8.91 2.25
N HIS B 51 16.01 9.11 0.94
CA HIS B 51 15.15 8.28 0.12
C HIS B 51 16.02 7.49 -0.84
N ILE B 52 15.80 6.19 -0.92
CA ILE B 52 16.55 5.34 -1.83
C ILE B 52 15.60 4.61 -2.76
N ILE B 53 15.89 4.66 -4.06
CA ILE B 53 15.02 4.05 -5.04
C ILE B 53 15.79 3.17 -6.02
N TYR B 54 15.38 1.92 -6.13
CA TYR B 54 15.93 1.07 -7.16
C TYR B 54 14.88 0.77 -8.20
N ASN B 55 15.12 1.29 -9.40
CA ASN B 55 14.28 1.02 -10.56
C ASN B 55 14.93 -0.13 -11.32
N SER B 56 14.33 -1.32 -11.21
CA SER B 56 14.91 -2.52 -11.80
C SER B 56 14.72 -2.60 -13.32
N VAL B 57 13.66 -1.97 -13.82
CA VAL B 57 13.42 -1.93 -15.26
C VAL B 57 14.47 -1.04 -15.93
N GLY B 58 14.68 0.14 -15.37
CA GLY B 58 15.69 1.05 -15.86
C GLY B 58 17.10 0.71 -15.40
N LYS B 59 17.21 -0.20 -14.43
CA LYS B 59 18.50 -0.60 -13.87
C LYS B 59 19.25 0.60 -13.30
N ARG B 60 18.60 1.32 -12.40
CA ARG B 60 19.13 2.60 -11.92
C ARG B 60 18.87 2.75 -10.42
N LEU B 61 19.94 2.88 -9.65
CA LEU B 61 19.85 3.06 -8.22
C LEU B 61 20.06 4.53 -7.89
N SER B 62 19.11 5.13 -7.19
CA SER B 62 19.17 6.55 -6.85
C SER B 62 18.94 6.79 -5.36
N ALA B 63 19.50 7.89 -4.87
CA ALA B 63 19.33 8.29 -3.50
C ALA B 63 19.27 9.81 -3.42
N VAL B 64 18.41 10.31 -2.55
CA VAL B 64 18.38 11.73 -2.24
C VAL B 64 18.35 11.90 -0.74
N VAL B 65 19.14 12.84 -0.24
CA VAL B 65 19.17 13.17 1.18
C VAL B 65 18.84 14.64 1.35
N SER B 66 17.89 14.94 2.22
CA SER B 66 17.43 16.32 2.36
C SER B 66 17.09 16.71 3.80
N TYR B 67 17.01 18.02 4.03
CA TYR B 67 16.55 18.58 5.30
C TYR B 67 15.29 19.39 5.06
N PRO B 68 14.56 19.71 6.14
CA PRO B 68 13.31 20.48 6.05
C PRO B 68 13.43 21.80 5.30
N ASN B 69 14.60 22.42 5.32
CA ASN B 69 14.77 23.70 4.61
C ASN B 69 14.83 23.52 3.09
N GLY B 70 14.85 22.27 2.64
CA GLY B 70 14.81 21.98 1.22
C GLY B 70 16.15 21.58 0.62
N ASP B 71 17.24 21.93 1.29
CA ASP B 71 18.57 21.55 0.81
C ASP B 71 18.68 20.04 0.63
N SER B 72 19.04 19.61 -0.57
CA SER B 72 19.10 18.19 -0.87
C SER B 72 20.29 17.84 -1.75
N ALA B 73 20.84 16.65 -1.53
CA ALA B 73 21.86 16.11 -2.40
C ALA B 73 21.35 14.83 -3.03
N THR B 74 21.66 14.63 -4.30
CA THR B 74 21.17 13.45 -5.02
C THR B 74 22.29 12.75 -5.76
N VAL B 75 22.19 11.42 -5.85
CA VAL B 75 23.16 10.63 -6.57
C VAL B 75 22.43 9.47 -7.25
N SER B 76 22.78 9.22 -8.52
CA SER B 76 22.23 8.09 -9.26
C SER B 76 23.34 7.27 -9.89
N TYR B 77 23.12 5.97 -9.99
CA TYR B 77 24.11 5.10 -10.60
C TYR B 77 23.46 3.95 -11.33
N ASP B 78 23.96 3.65 -12.52
CA ASP B 78 23.41 2.56 -13.32
C ASP B 78 24.00 1.23 -12.91
N VAL B 79 23.12 0.31 -12.53
CA VAL B 79 23.52 -1.02 -12.13
C VAL B 79 22.34 -1.98 -12.21
N ASP B 80 22.61 -3.21 -12.63
CA ASP B 80 21.60 -4.26 -12.59
C ASP B 80 21.92 -5.12 -11.38
N LEU B 81 21.10 -5.02 -10.35
CA LEU B 81 21.44 -5.61 -9.07
C LEU B 81 21.46 -7.13 -9.07
N ASP B 82 20.77 -7.76 -10.02
CA ASP B 82 20.83 -9.22 -10.08
C ASP B 82 22.18 -9.72 -10.59
N ASN B 83 23.03 -8.77 -11.03
CA ASN B 83 24.41 -9.08 -11.39
C ASN B 83 25.36 -8.92 -10.21
N VAL B 84 24.86 -8.35 -9.12
CA VAL B 84 25.71 -8.00 -8.00
C VAL B 84 25.33 -8.78 -6.74
N LEU B 85 24.04 -8.76 -6.42
CA LEU B 85 23.56 -9.37 -5.19
C LEU B 85 23.14 -10.81 -5.39
N PRO B 86 23.21 -11.61 -4.32
CA PRO B 86 22.61 -12.94 -4.39
C PRO B 86 21.09 -12.79 -4.46
N GLU B 87 20.41 -13.88 -4.79
CA GLU B 87 18.96 -13.88 -4.95
C GLU B 87 18.25 -13.49 -3.66
N TRP B 88 18.73 -14.00 -2.52
CA TRP B 88 18.16 -13.67 -1.23
C TRP B 88 19.13 -12.78 -0.46
N VAL B 89 18.60 -11.74 0.17
CA VAL B 89 19.42 -10.80 0.91
C VAL B 89 18.77 -10.39 2.23
N ARG B 90 19.55 -9.70 3.06
CA ARG B 90 18.96 -8.94 4.14
C ARG B 90 19.20 -7.46 3.89
N VAL B 91 18.31 -6.62 4.40
CA VAL B 91 18.47 -5.19 4.27
C VAL B 91 18.71 -4.62 5.66
N GLY B 92 19.46 -3.52 5.74
CA GLY B 92 19.78 -2.95 7.03
C GLY B 92 20.38 -1.57 7.00
N LEU B 93 20.64 -1.04 8.19
CA LEU B 93 21.28 0.25 8.35
C LEU B 93 22.55 0.03 9.15
N SER B 94 23.58 0.81 8.84
CA SER B 94 24.87 0.68 9.50
C SER B 94 25.43 2.06 9.79
N ALA B 95 26.25 2.17 10.84
CA ALA B 95 26.89 3.43 11.15
C ALA B 95 28.13 3.21 12.00
N THR B 96 29.06 4.15 11.94
CA THR B 96 30.30 4.05 12.69
C THR B 96 30.79 5.40 13.18
N THR B 97 31.67 5.34 14.16
CA THR B 97 32.50 6.46 14.55
C THR B 97 33.92 5.92 14.61
N GLY B 98 34.91 6.80 14.54
CA GLY B 98 36.29 6.40 14.67
C GLY B 98 37.00 7.21 15.73
N LEU B 99 38.08 7.89 15.34
CA LEU B 99 38.72 8.88 16.20
C LEU B 99 37.74 10.01 16.47
N TYR B 100 37.05 10.44 15.42
CA TYR B 100 35.99 11.43 15.54
C TYR B 100 34.63 10.74 15.59
N LYS B 101 33.62 11.46 16.05
CA LYS B 101 32.35 10.83 16.40
C LYS B 101 31.12 11.68 16.14
N GLU B 102 29.97 11.07 16.35
CA GLU B 102 28.69 11.72 16.10
C GLU B 102 27.62 10.75 16.57
N THR B 103 26.42 11.26 16.89
CA THR B 103 25.29 10.37 17.09
C THR B 103 24.87 9.82 15.75
N ASN B 104 24.42 8.58 15.72
CA ASN B 104 23.89 7.97 14.52
C ASN B 104 22.49 7.44 14.81
N THR B 105 21.60 8.39 15.06
CA THR B 105 20.25 8.11 15.52
C THR B 105 19.28 7.95 14.35
N ILE B 106 18.58 6.82 14.34
CA ILE B 106 17.52 6.59 13.36
C ILE B 106 16.15 6.83 13.99
N LEU B 107 15.38 7.72 13.40
CA LEU B 107 14.06 8.07 13.94
C LEU B 107 12.96 7.28 13.25
N SER B 108 13.20 6.87 12.01
CA SER B 108 12.24 6.08 11.27
C SER B 108 12.89 5.39 10.08
N TRP B 109 12.28 4.30 9.64
CA TRP B 109 12.85 3.50 8.57
C TRP B 109 11.74 2.71 7.92
N SER B 110 11.58 2.84 6.61
CA SER B 110 10.62 2.04 5.88
C SER B 110 11.26 1.40 4.65
N PHE B 111 10.73 0.25 4.26
CA PHE B 111 11.25 -0.47 3.11
C PHE B 111 10.11 -1.14 2.36
N THR B 112 10.20 -1.12 1.03
CA THR B 112 9.21 -1.77 0.18
C THR B 112 9.91 -2.47 -0.97
N SER B 113 9.57 -3.72 -1.19
CA SER B 113 10.19 -4.52 -2.24
C SER B 113 9.12 -5.26 -3.00
N LYS B 114 9.31 -5.42 -4.32
CA LYS B 114 8.33 -6.11 -5.14
C LYS B 114 8.98 -6.96 -6.23
N LEU B 115 8.72 -8.26 -6.20
CA LEU B 115 9.08 -9.14 -7.29
C LEU B 115 7.82 -9.41 -8.09
N LYS B 116 7.78 -8.94 -9.33
CA LYS B 116 6.64 -9.21 -10.20
C LYS B 116 7.06 -10.20 -11.27
N SER B 117 6.53 -11.42 -11.19
CA SER B 117 6.87 -12.45 -12.17
C SER B 117 6.08 -12.27 -13.47
N ASN B 118 6.42 -13.09 -14.46
CA ASN B 118 5.74 -13.06 -15.75
C ASN B 118 4.37 -13.74 -15.71
N SER B 119 4.12 -14.49 -14.65
CA SER B 119 2.80 -15.07 -14.42
C SER B 119 1.83 -13.95 -14.07
N THR B 120 0.83 -13.78 -14.91
CA THR B 120 -0.14 -12.69 -14.78
C THR B 120 -0.63 -12.50 -13.34
N HIS B 121 -0.63 -11.24 -12.89
CA HIS B 121 -1.12 -10.88 -11.57
C HIS B 121 -0.49 -11.70 -10.45
N GLU B 122 0.79 -12.00 -10.59
CA GLU B 122 1.53 -12.66 -9.53
C GLU B 122 2.68 -11.79 -9.05
N THR B 123 2.43 -11.09 -7.94
CA THR B 123 3.42 -10.21 -7.34
C THR B 123 3.72 -10.62 -5.91
N ASN B 124 4.98 -10.83 -5.61
CA ASN B 124 5.42 -10.97 -4.23
C ASN B 124 5.89 -9.63 -3.71
N ALA B 125 5.58 -9.32 -2.46
CA ALA B 125 5.93 -8.03 -1.90
C ALA B 125 6.27 -8.13 -0.41
N LEU B 126 7.15 -7.24 0.02
CA LEU B 126 7.46 -7.08 1.44
C LEU B 126 7.51 -5.59 1.73
N HIS B 127 6.84 -5.19 2.80
CA HIS B 127 6.88 -3.82 3.24
C HIS B 127 6.95 -3.77 4.76
N PHE B 128 7.84 -2.93 5.28
CA PHE B 128 7.84 -2.65 6.70
C PHE B 128 8.10 -1.17 6.94
N MET B 129 7.60 -0.70 8.07
CA MET B 129 7.77 0.69 8.46
C MET B 129 7.93 0.75 9.97
N PHE B 130 9.00 1.40 10.42
CA PHE B 130 9.18 1.72 11.83
C PHE B 130 9.14 3.24 11.99
N ASN B 131 8.17 3.75 12.74
CA ASN B 131 8.18 5.15 13.14
C ASN B 131 8.58 5.26 14.60
N GLN B 132 8.71 4.11 15.24
CA GLN B 132 9.28 4.04 16.58
C GLN B 132 9.88 2.65 16.82
N PHE B 133 10.96 2.62 17.58
CA PHE B 133 11.64 1.38 17.93
C PHE B 133 11.53 1.14 19.43
N SER B 134 10.99 -0.02 19.81
CA SER B 134 10.85 -0.35 21.22
C SER B 134 12.12 -0.99 21.74
N LYS B 135 12.25 -1.07 23.05
CA LYS B 135 13.45 -1.65 23.66
C LYS B 135 13.67 -3.11 23.25
N ASP B 136 12.59 -3.81 22.89
CA ASP B 136 12.69 -5.18 22.43
C ASP B 136 12.04 -5.31 21.05
N GLN B 137 12.80 -4.96 20.01
CA GLN B 137 12.30 -4.95 18.64
C GLN B 137 12.60 -6.28 17.96
N LYS B 138 11.68 -7.24 18.12
CA LYS B 138 11.92 -8.62 17.71
C LYS B 138 12.09 -8.85 16.21
N ASP B 139 11.68 -7.90 15.39
CA ASP B 139 11.82 -8.03 13.94
C ASP B 139 13.08 -7.36 13.41
N LEU B 140 14.00 -7.01 14.30
CA LEU B 140 15.31 -6.50 13.89
C LEU B 140 16.42 -7.34 14.48
N ILE B 141 17.48 -7.53 13.69
CA ILE B 141 18.69 -8.14 14.18
C ILE B 141 19.68 -7.02 14.46
N LEU B 142 20.04 -6.85 15.72
CA LEU B 142 21.01 -5.83 16.10
C LEU B 142 22.41 -6.43 16.18
N GLN B 143 23.37 -5.72 15.60
CA GLN B 143 24.76 -6.17 15.59
C GLN B 143 25.64 -5.07 16.18
N GLY B 144 26.75 -5.46 16.79
CA GLY B 144 27.64 -4.50 17.42
C GLY B 144 26.92 -3.63 18.45
N ASP B 145 27.14 -2.32 18.37
CA ASP B 145 26.67 -1.39 19.40
C ASP B 145 25.23 -0.93 19.23
N ALA B 146 24.58 -1.30 18.13
CA ALA B 146 23.22 -0.86 17.85
C ALA B 146 22.29 -1.16 19.02
N THR B 147 21.47 -0.18 19.40
CA THR B 147 20.44 -0.37 20.43
C THR B 147 19.14 0.34 20.07
N THR B 148 18.02 -0.17 20.58
CA THR B 148 16.72 0.44 20.33
C THR B 148 16.02 0.83 21.62
N GLY B 149 15.02 1.69 21.52
CA GLY B 149 14.21 2.05 22.68
C GLY B 149 14.41 3.46 23.21
N ARG B 150 15.65 3.97 23.13
CA ARG B 150 15.98 5.29 23.65
C ARG B 150 15.19 6.38 22.92
N ASP B 151 14.16 6.91 23.59
CA ASP B 151 13.25 7.89 22.99
C ASP B 151 12.49 7.32 21.80
N GLY B 152 12.34 6.00 21.75
CA GLY B 152 11.70 5.33 20.63
C GLY B 152 12.56 5.32 19.39
N ASN B 153 13.85 5.62 19.55
CA ASN B 153 14.78 5.67 18.43
C ASN B 153 15.68 4.46 18.34
N LEU B 154 16.34 4.33 17.19
CA LEU B 154 17.37 3.33 16.98
C LEU B 154 18.73 4.04 17.01
N GLU B 155 19.57 3.68 17.98
CA GLU B 155 20.91 4.25 18.02
C GLU B 155 21.89 3.24 17.45
N LEU B 156 22.38 3.51 16.24
CA LEU B 156 23.26 2.58 15.56
C LEU B 156 24.62 2.47 16.26
N THR B 157 25.12 3.59 16.78
CA THR B 157 26.38 3.59 17.51
C THR B 157 26.22 4.06 18.96
N ARG B 158 27.21 3.71 19.79
CA ARG B 158 27.15 3.95 21.22
C ARG B 158 26.94 5.42 21.59
N VAL B 159 25.98 5.64 22.47
CA VAL B 159 25.71 6.97 23.01
C VAL B 159 25.64 6.84 24.52
N SER B 160 26.16 7.82 25.24
CA SER B 160 26.14 7.78 26.70
C SER B 160 24.76 8.16 27.23
N SER B 161 24.55 7.91 28.51
CA SER B 161 23.28 8.20 29.18
C SER B 161 22.80 9.63 28.93
N ASN B 162 23.73 10.56 28.79
CA ASN B 162 23.40 11.96 28.55
C ASN B 162 23.45 12.35 27.08
N GLY B 163 23.35 11.37 26.20
CA GLY B 163 23.22 11.62 24.77
C GLY B 163 24.47 12.07 24.05
N SER B 164 25.63 11.69 24.55
CA SER B 164 26.89 12.01 23.88
C SER B 164 27.48 10.78 23.19
N PRO B 165 27.91 10.95 21.92
CA PRO B 165 28.44 9.87 21.09
C PRO B 165 29.84 9.43 21.51
N GLN B 166 30.13 8.14 21.32
CA GLN B 166 31.45 7.61 21.64
C GLN B 166 32.21 7.30 20.36
N GLY B 167 33.54 7.31 20.44
CA GLY B 167 34.38 7.01 19.29
C GLY B 167 34.57 5.52 19.09
N SER B 168 35.08 5.14 17.93
CA SER B 168 35.41 3.75 17.64
C SER B 168 34.23 2.81 17.89
N SER B 169 33.05 3.22 17.45
CA SER B 169 31.85 2.44 17.62
C SER B 169 31.34 1.94 16.28
N VAL B 170 30.66 0.80 16.27
CA VAL B 170 30.03 0.29 15.07
C VAL B 170 28.78 -0.50 15.45
N GLY B 171 27.71 -0.33 14.67
CA GLY B 171 26.46 -1.01 14.96
C GLY B 171 25.59 -1.06 13.72
N ARG B 172 24.80 -2.13 13.60
CA ARG B 172 23.93 -2.31 12.46
C ARG B 172 22.58 -2.88 12.90
N ALA B 173 21.54 -2.56 12.16
CA ALA B 173 20.23 -3.19 12.34
C ALA B 173 19.79 -3.77 11.01
N LEU B 174 19.41 -5.04 11.03
CA LEU B 174 18.94 -5.71 9.83
C LEU B 174 17.51 -6.14 10.04
N PHE B 175 16.67 -6.01 9.01
CA PHE B 175 15.33 -6.55 9.12
C PHE B 175 15.43 -8.07 9.22
N TYR B 176 14.62 -8.64 10.09
CA TYR B 176 14.73 -10.05 10.46
C TYR B 176 14.52 -10.99 9.28
N ALA B 177 13.48 -10.75 8.50
CA ALA B 177 13.13 -11.65 7.41
C ALA B 177 14.02 -11.44 6.19
N PRO B 178 14.50 -12.56 5.60
CA PRO B 178 15.24 -12.51 4.34
C PRO B 178 14.36 -11.90 3.23
N VAL B 179 14.99 -11.16 2.32
CA VAL B 179 14.26 -10.52 1.23
C VAL B 179 14.61 -11.14 -0.12
N HIS B 180 13.58 -11.48 -0.88
CA HIS B 180 13.79 -12.02 -2.22
C HIS B 180 13.98 -10.87 -3.19
N ILE B 181 15.25 -10.51 -3.44
CA ILE B 181 15.55 -9.25 -4.10
C ILE B 181 15.53 -9.36 -5.62
N TRP B 182 15.83 -10.55 -6.14
CA TRP B 182 15.64 -10.82 -7.57
C TRP B 182 15.37 -12.29 -7.82
N GLU B 183 14.86 -12.59 -9.00
CA GLU B 183 14.55 -13.95 -9.41
C GLU B 183 14.52 -14.05 -10.93
N SER B 184 14.89 -15.21 -11.46
CA SER B 184 15.02 -15.40 -12.91
C SER B 184 13.76 -15.00 -13.67
N SER B 185 12.61 -15.41 -13.16
CA SER B 185 11.33 -15.21 -13.82
C SER B 185 10.73 -13.80 -13.60
N ALA B 186 11.39 -13.00 -12.77
CA ALA B 186 10.85 -11.69 -12.41
C ALA B 186 11.11 -10.63 -13.48
N VAL B 187 10.04 -9.97 -13.94
CA VAL B 187 10.14 -8.89 -14.92
C VAL B 187 10.39 -7.55 -14.23
N VAL B 188 10.02 -7.46 -12.96
CA VAL B 188 10.30 -6.29 -12.13
C VAL B 188 10.79 -6.73 -10.76
N ALA B 189 11.89 -6.13 -10.30
CA ALA B 189 12.49 -6.47 -9.01
C ALA B 189 12.98 -5.21 -8.29
N SER B 190 12.06 -4.28 -8.06
CA SER B 190 12.44 -2.97 -7.52
C SER B 190 12.22 -2.86 -6.02
N PHE B 191 12.78 -1.81 -5.42
CA PHE B 191 12.56 -1.53 -4.02
C PHE B 191 12.74 -0.05 -3.72
N ASP B 192 12.13 0.40 -2.62
CA ASP B 192 12.31 1.74 -2.11
C ASP B 192 12.68 1.63 -0.64
N ALA B 193 13.50 2.57 -0.16
CA ALA B 193 13.80 2.62 1.25
C ALA B 193 13.87 4.07 1.68
N THR B 194 13.43 4.32 2.90
CA THR B 194 13.42 5.66 3.45
C THR B 194 13.83 5.59 4.91
N PHE B 195 14.68 6.51 5.35
CA PHE B 195 14.94 6.65 6.77
C PHE B 195 15.22 8.09 7.16
N THR B 196 14.91 8.41 8.40
CA THR B 196 15.19 9.73 8.93
C THR B 196 16.23 9.56 10.04
N PHE B 197 17.14 10.51 10.13
CA PHE B 197 18.29 10.36 11.00
C PHE B 197 18.65 11.66 11.67
N LEU B 198 19.34 11.57 12.79
CA LEU B 198 19.82 12.74 13.50
C LEU B 198 21.28 12.54 13.82
N ILE B 199 22.13 13.28 13.12
CA ILE B 199 23.56 13.26 13.36
C ILE B 199 23.99 14.55 14.05
N LYS B 200 24.45 14.44 15.29
CA LYS B 200 24.99 15.60 15.99
C LYS B 200 26.39 15.34 16.55
N SER B 201 27.17 16.41 16.63
CA SER B 201 28.55 16.32 17.08
C SER B 201 28.96 17.61 17.76
N SER B 202 29.77 17.50 18.82
CA SER B 202 30.41 18.67 19.41
C SER B 202 31.84 18.77 18.87
N ASP B 203 32.27 17.71 18.21
CA ASP B 203 33.56 17.69 17.51
C ASP B 203 33.57 18.72 16.39
N SER B 204 34.76 19.19 16.04
CA SER B 204 34.90 20.07 14.89
C SER B 204 34.42 19.33 13.65
N HIS B 205 34.81 18.06 13.55
CA HIS B 205 34.43 17.21 12.44
C HIS B 205 33.71 15.96 12.94
N PRO B 206 32.43 15.82 12.60
CA PRO B 206 31.73 14.57 12.88
C PRO B 206 32.27 13.43 12.01
N ALA B 207 32.11 12.20 12.48
CA ALA B 207 32.50 11.01 11.73
C ALA B 207 31.74 9.84 12.33
N ASP B 208 31.51 8.77 11.56
CA ASP B 208 31.97 8.64 10.19
C ASP B 208 30.83 8.59 9.18
N GLY B 209 29.62 8.30 9.65
CA GLY B 209 28.45 8.33 8.80
C GLY B 209 27.49 7.18 8.98
N ILE B 210 26.50 7.12 8.07
CA ILE B 210 25.44 6.13 8.12
C ILE B 210 25.21 5.57 6.73
N ALA B 211 24.89 4.28 6.64
CA ALA B 211 24.60 3.65 5.36
C ALA B 211 23.35 2.78 5.41
N PHE B 212 22.56 2.84 4.33
CA PHE B 212 21.58 1.80 4.08
C PHE B 212 22.28 0.77 3.22
N PHE B 213 22.13 -0.51 3.54
CA PHE B 213 22.83 -1.53 2.80
C PHE B 213 22.00 -2.79 2.56
N ILE B 214 22.47 -3.59 1.60
CA ILE B 214 21.87 -4.86 1.27
C ILE B 214 23.00 -5.87 1.17
N SER B 215 22.81 -7.05 1.74
CA SER B 215 23.86 -8.04 1.81
C SER B 215 23.32 -9.45 1.80
N ASN B 216 24.21 -10.41 1.69
CA ASN B 216 23.86 -11.81 1.87
C ASN B 216 23.23 -12.00 3.24
N ILE B 217 22.30 -12.95 3.35
CA ILE B 217 21.48 -13.08 4.55
C ILE B 217 22.28 -13.28 5.84
N ASP B 218 23.46 -13.89 5.72
CA ASP B 218 24.27 -14.22 6.89
C ASP B 218 25.33 -13.16 7.17
N SER B 219 25.12 -11.96 6.64
CA SER B 219 26.06 -10.86 6.80
C SER B 219 26.28 -10.45 8.26
N SER B 220 27.54 -10.21 8.61
CA SER B 220 27.87 -9.70 9.93
C SER B 220 28.89 -8.57 9.78
N ILE B 221 29.09 -7.83 10.86
CA ILE B 221 30.07 -6.75 10.87
C ILE B 221 31.46 -7.31 10.59
N PRO B 222 32.10 -6.82 9.53
CA PRO B 222 33.47 -7.28 9.20
C PRO B 222 34.45 -6.86 10.29
N SER B 223 35.48 -7.68 10.49
CA SER B 223 36.49 -7.41 11.49
C SER B 223 37.17 -6.04 11.29
N GLY B 224 37.26 -5.27 12.36
CA GLY B 224 37.90 -3.95 12.32
C GLY B 224 37.31 -3.02 11.28
N SER B 225 35.98 -2.96 11.24
CA SER B 225 35.31 -2.16 10.22
C SER B 225 34.69 -0.89 10.80
N THR B 226 35.22 -0.42 11.93
CA THR B 226 34.79 0.85 12.48
C THR B 226 35.38 1.98 11.65
N GLY B 227 35.07 3.22 12.03
CA GLY B 227 35.56 4.38 11.32
C GLY B 227 35.16 4.42 9.86
N ARG B 228 36.15 4.59 9.00
CA ARG B 228 35.94 4.85 7.59
C ARG B 228 35.27 3.71 6.82
N LEU B 229 35.31 2.50 7.35
CA LEU B 229 34.75 1.34 6.66
C LEU B 229 33.26 1.15 6.93
N LEU B 230 32.70 2.00 7.78
CA LEU B 230 31.25 2.10 7.96
C LEU B 230 30.57 0.79 8.38
N GLY B 231 31.36 -0.16 8.88
CA GLY B 231 30.81 -1.41 9.37
C GLY B 231 30.33 -2.30 8.23
N LEU B 232 30.74 -1.97 7.02
CA LEU B 232 30.30 -2.67 5.83
C LEU B 232 31.42 -3.50 5.20
N PHE B 233 32.64 -2.98 5.23
CA PHE B 233 33.75 -3.57 4.50
C PHE B 233 34.92 -3.98 5.40
N PRO B 234 35.63 -5.06 5.01
CA PRO B 234 36.78 -5.59 5.75
C PRO B 234 38.05 -4.79 5.50
N ASP B 235 38.07 -4.06 4.39
CA ASP B 235 39.23 -3.28 4.00
C ASP B 235 38.79 -2.22 3.02
N ALA B 236 39.72 -1.39 2.58
CA ALA B 236 39.39 -0.23 1.75
C ALA B 236 39.67 -0.47 0.27
N ASN B 237 39.71 -1.73 -0.15
CA ASN B 237 39.93 -2.04 -1.56
C ASN B 237 38.71 -1.76 -2.44
N ALA C 1 -33.04 15.07 -1.33
CA ALA C 1 -32.13 15.41 -0.25
C ALA C 1 -30.94 14.46 -0.20
N ASP C 2 -29.83 14.94 0.35
CA ASP C 2 -28.62 14.13 0.43
C ASP C 2 -28.77 12.96 1.41
N THR C 3 -28.03 11.88 1.14
CA THR C 3 -27.91 10.76 2.06
C THR C 3 -26.54 10.84 2.72
N ILE C 4 -26.54 10.95 4.04
CA ILE C 4 -25.31 11.15 4.78
C ILE C 4 -25.03 10.06 5.80
N VAL C 5 -23.83 9.49 5.73
CA VAL C 5 -23.27 8.76 6.85
C VAL C 5 -22.05 9.55 7.32
N ALA C 6 -21.96 9.80 8.62
CA ALA C 6 -20.89 10.66 9.11
C ALA C 6 -20.36 10.28 10.48
N VAL C 7 -19.09 10.59 10.72
CA VAL C 7 -18.53 10.58 12.04
C VAL C 7 -18.26 12.03 12.44
N GLU C 8 -18.93 12.49 13.50
CA GLU C 8 -18.82 13.87 13.92
C GLU C 8 -17.93 14.02 15.16
N LEU C 9 -17.07 15.03 15.13
CA LEU C 9 -16.36 15.48 16.32
C LEU C 9 -17.10 16.73 16.77
N ASP C 10 -18.00 16.56 17.72
CA ASP C 10 -18.95 17.60 18.08
C ASP C 10 -18.51 18.36 19.33
N THR C 11 -18.06 19.60 19.14
CA THR C 11 -17.47 20.39 20.20
C THR C 11 -18.49 21.14 21.07
N TYR C 12 -19.73 21.26 20.59
CA TYR C 12 -20.73 22.07 21.30
C TYR C 12 -22.03 21.35 21.60
N PRO C 13 -22.33 21.11 22.88
CA PRO C 13 -23.57 20.41 23.24
C PRO C 13 -24.83 21.20 22.90
N ASN C 14 -25.54 20.80 21.84
CA ASN C 14 -26.86 21.35 21.55
C ASN C 14 -27.91 20.42 22.12
N THR C 15 -28.15 20.52 23.42
CA THR C 15 -28.96 19.55 24.13
C THR C 15 -30.40 19.45 23.62
N ASP C 16 -30.88 20.52 23.02
CA ASP C 16 -32.28 20.56 22.57
C ASP C 16 -32.50 19.72 21.30
N ILE C 17 -31.42 19.32 20.64
CA ILE C 17 -31.54 18.39 19.51
C ILE C 17 -30.86 17.04 19.73
N GLY C 18 -30.80 16.60 20.99
CA GLY C 18 -30.34 15.26 21.30
C GLY C 18 -28.88 15.13 21.69
N ASP C 19 -28.12 16.21 21.54
CA ASP C 19 -26.74 16.20 22.01
C ASP C 19 -26.67 15.86 23.50
N PRO C 20 -25.67 15.06 23.88
CA PRO C 20 -25.37 14.90 25.31
C PRO C 20 -24.79 16.21 25.83
N SER C 21 -24.77 16.37 27.15
CA SER C 21 -24.39 17.65 27.75
C SER C 21 -22.88 17.85 27.86
N TYR C 22 -22.15 17.32 26.88
CA TYR C 22 -20.70 17.45 26.85
C TYR C 22 -20.18 17.27 25.43
N PRO C 23 -18.97 17.80 25.16
CA PRO C 23 -18.38 17.55 23.85
C PRO C 23 -18.29 16.05 23.62
N HIS C 24 -18.51 15.60 22.39
CA HIS C 24 -18.64 14.18 22.13
C HIS C 24 -18.31 13.83 20.69
N ILE C 25 -17.97 12.56 20.46
CA ILE C 25 -17.87 12.02 19.12
C ILE C 25 -19.09 11.15 18.86
N GLY C 26 -19.57 11.18 17.63
CA GLY C 26 -20.78 10.44 17.30
C GLY C 26 -20.77 9.85 15.90
N ILE C 27 -21.54 8.77 15.74
CA ILE C 27 -21.79 8.17 14.44
C ILE C 27 -23.19 8.55 13.97
N ASP C 28 -23.25 9.29 12.87
CA ASP C 28 -24.51 9.78 12.34
C ASP C 28 -24.93 8.98 11.11
N ILE C 29 -26.13 8.42 11.15
CA ILE C 29 -26.67 7.69 10.03
C ILE C 29 -27.94 8.38 9.51
N LYS C 30 -27.79 9.21 8.48
CA LYS C 30 -28.90 9.92 7.85
C LYS C 30 -29.62 10.90 8.78
N SER C 31 -29.01 11.21 9.91
CA SER C 31 -29.56 12.19 10.85
C SER C 31 -28.47 12.80 11.74
N VAL C 32 -28.67 14.05 12.14
CA VAL C 32 -27.71 14.73 13.01
C VAL C 32 -27.78 14.19 14.45
N ARG C 33 -28.84 13.45 14.76
CA ARG C 33 -28.97 12.84 16.07
C ARG C 33 -28.27 11.49 16.08
N SER C 34 -27.01 11.50 16.52
CA SER C 34 -26.14 10.33 16.47
C SER C 34 -26.83 9.06 16.97
N LYS C 35 -26.56 7.95 16.28
CA LYS C 35 -27.05 6.64 16.72
C LYS C 35 -26.25 6.19 17.93
N LYS C 36 -25.05 6.74 18.08
CA LYS C 36 -24.17 6.34 19.16
C LYS C 36 -23.17 7.47 19.40
N THR C 37 -22.93 7.79 20.67
CA THR C 37 -21.99 8.85 21.02
C THR C 37 -21.05 8.40 22.13
N ALA C 38 -19.98 9.17 22.33
CA ALA C 38 -19.05 8.93 23.41
C ALA C 38 -18.47 10.27 23.87
N LYS C 39 -18.24 10.41 25.17
CA LYS C 39 -17.74 11.66 25.72
C LYS C 39 -16.34 11.94 25.18
N TRP C 40 -16.12 13.16 24.72
CA TRP C 40 -14.85 13.55 24.11
C TRP C 40 -14.27 14.77 24.79
N ASN C 41 -13.05 14.63 25.31
CA ASN C 41 -12.35 15.76 25.89
C ASN C 41 -11.55 16.49 24.83
N MET C 42 -12.17 17.50 24.23
CA MET C 42 -11.53 18.28 23.18
C MET C 42 -10.42 19.11 23.80
N GLN C 43 -9.21 18.99 23.25
CA GLN C 43 -8.05 19.70 23.77
C GLN C 43 -7.69 20.91 22.90
N ASN C 44 -8.13 22.08 23.36
CA ASN C 44 -7.98 23.33 22.63
C ASN C 44 -6.54 23.64 22.24
N GLY C 45 -6.32 23.84 20.94
CA GLY C 45 -5.01 24.22 20.44
C GLY C 45 -4.06 23.06 20.21
N LYS C 46 -4.52 21.84 20.48
CA LYS C 46 -3.71 20.65 20.28
C LYS C 46 -4.08 19.97 18.97
N VAL C 47 -3.15 19.18 18.43
CA VAL C 47 -3.40 18.45 17.19
C VAL C 47 -3.97 17.07 17.51
N GLY C 48 -5.20 16.83 17.06
CA GLY C 48 -5.86 15.56 17.29
C GLY C 48 -5.87 14.72 16.05
N THR C 49 -6.17 13.43 16.22
CA THR C 49 -6.21 12.49 15.11
C THR C 49 -7.48 11.67 15.19
N ALA C 50 -8.22 11.59 14.08
CA ALA C 50 -9.39 10.74 14.00
C ALA C 50 -9.15 9.56 13.07
N HIS C 51 -9.52 8.37 13.52
CA HIS C 51 -9.47 7.17 12.68
C HIS C 51 -10.88 6.61 12.54
N ILE C 52 -11.31 6.37 11.31
CA ILE C 52 -12.61 5.77 11.05
C ILE C 52 -12.41 4.45 10.31
N ILE C 53 -13.15 3.42 10.72
CA ILE C 53 -12.98 2.09 10.16
C ILE C 53 -14.32 1.40 9.92
N TYR C 54 -14.44 0.73 8.79
CA TYR C 54 -15.61 -0.07 8.47
C TYR C 54 -15.25 -1.21 7.55
N ASN C 55 -15.82 -2.39 7.80
CA ASN C 55 -15.78 -3.45 6.79
C ASN C 55 -17.15 -4.08 6.66
N SER C 56 -17.48 -4.54 5.46
CA SER C 56 -18.80 -5.09 5.16
C SER C 56 -19.02 -6.46 5.77
N VAL C 57 -17.95 -7.06 6.30
CA VAL C 57 -18.06 -8.40 6.87
C VAL C 57 -18.59 -8.36 8.30
N GLY C 58 -17.91 -7.61 9.16
CA GLY C 58 -18.35 -7.42 10.53
C GLY C 58 -19.49 -6.44 10.64
N LYS C 59 -19.64 -5.59 9.62
CA LYS C 59 -20.72 -4.60 9.58
C LYS C 59 -20.74 -3.76 10.86
N ARG C 60 -19.57 -3.22 11.20
CA ARG C 60 -19.44 -2.39 12.37
C ARG C 60 -18.66 -1.13 12.01
N LEU C 61 -19.29 0.02 12.17
CA LEU C 61 -18.62 1.28 11.89
C LEU C 61 -17.99 1.81 13.16
N SER C 62 -16.67 2.00 13.13
CA SER C 62 -15.93 2.43 14.31
C SER C 62 -15.15 3.70 14.08
N ALA C 63 -15.01 4.49 15.14
CA ALA C 63 -14.21 5.71 15.09
C ALA C 63 -13.52 5.92 16.42
N VAL C 64 -12.27 6.37 16.38
CA VAL C 64 -11.55 6.77 17.57
C VAL C 64 -10.85 8.12 17.31
N VAL C 65 -10.92 9.01 18.29
CA VAL C 65 -10.20 10.27 18.20
C VAL C 65 -9.24 10.35 19.37
N SER C 66 -8.02 10.80 19.10
CA SER C 66 -7.00 10.83 20.14
C SER C 66 -6.09 12.06 20.05
N TYR C 67 -5.39 12.32 21.14
CA TYR C 67 -4.39 13.37 21.20
C TYR C 67 -3.08 12.77 21.68
N PRO C 68 -1.96 13.48 21.46
CA PRO C 68 -0.62 12.98 21.83
C PRO C 68 -0.46 12.60 23.31
N ASN C 69 -1.26 13.19 24.21
CA ASN C 69 -1.15 12.82 25.61
C ASN C 69 -1.83 11.48 25.93
N GLY C 70 -2.40 10.85 24.91
CA GLY C 70 -3.01 9.55 25.08
C GLY C 70 -4.51 9.57 25.39
N ASP C 71 -5.03 10.73 25.75
CA ASP C 71 -6.47 10.89 25.94
C ASP C 71 -7.20 10.50 24.65
N SER C 72 -8.24 9.67 24.75
CA SER C 72 -9.01 9.28 23.57
C SER C 72 -10.49 9.01 23.85
N ALA C 73 -11.27 8.97 22.77
CA ALA C 73 -12.68 8.63 22.83
C ALA C 73 -13.00 7.73 21.65
N THR C 74 -13.81 6.70 21.91
CA THR C 74 -14.11 5.70 20.90
C THR C 74 -15.59 5.43 20.85
N VAL C 75 -16.10 5.16 19.65
CA VAL C 75 -17.51 4.87 19.47
C VAL C 75 -17.67 3.87 18.33
N SER C 76 -18.51 2.87 18.54
CA SER C 76 -18.77 1.85 17.53
C SER C 76 -20.26 1.68 17.34
N TYR C 77 -20.67 1.31 16.14
CA TYR C 77 -22.09 1.11 15.86
C TYR C 77 -22.28 0.06 14.77
N ASP C 78 -23.14 -0.91 15.04
CA ASP C 78 -23.41 -1.95 14.06
C ASP C 78 -24.38 -1.46 13.00
N VAL C 79 -24.00 -1.61 11.74
CA VAL C 79 -24.82 -1.16 10.62
C VAL C 79 -24.32 -1.77 9.32
N ASP C 80 -25.24 -2.20 8.46
CA ASP C 80 -24.90 -2.65 7.13
C ASP C 80 -25.05 -1.49 6.16
N LEU C 81 -23.92 -0.91 5.75
CA LEU C 81 -23.96 0.32 4.97
C LEU C 81 -24.46 0.16 3.54
N ASP C 82 -24.50 -1.07 3.03
CA ASP C 82 -25.02 -1.27 1.69
C ASP C 82 -26.55 -1.15 1.67
N ASN C 83 -27.15 -0.98 2.85
CA ASN C 83 -28.57 -0.72 2.97
C ASN C 83 -28.86 0.75 3.25
N VAL C 84 -27.79 1.54 3.36
CA VAL C 84 -27.92 2.94 3.73
C VAL C 84 -27.45 3.84 2.60
N LEU C 85 -26.24 3.57 2.11
CA LEU C 85 -25.61 4.42 1.11
C LEU C 85 -25.87 3.93 -0.30
N PRO C 86 -25.88 4.85 -1.28
CA PRO C 86 -25.95 4.43 -2.68
C PRO C 86 -24.63 3.75 -3.07
N GLU C 87 -24.62 3.06 -4.20
CA GLU C 87 -23.47 2.26 -4.61
C GLU C 87 -22.24 3.13 -4.86
N TRP C 88 -22.46 4.30 -5.44
CA TRP C 88 -21.38 5.25 -5.67
C TRP C 88 -21.54 6.46 -4.77
N VAL C 89 -20.44 6.93 -4.20
CA VAL C 89 -20.46 8.03 -3.25
C VAL C 89 -19.31 9.00 -3.48
N ARG C 90 -19.33 10.11 -2.74
CA ARG C 90 -18.15 10.94 -2.59
C ARG C 90 -17.87 11.04 -1.10
N VAL C 91 -16.59 11.15 -0.75
CA VAL C 91 -16.20 11.29 0.64
C VAL C 91 -15.68 12.71 0.88
N GLY C 92 -15.87 13.22 2.09
CA GLY C 92 -15.44 14.57 2.41
C GLY C 92 -15.25 14.86 3.88
N LEU C 93 -14.87 16.10 4.17
CA LEU C 93 -14.80 16.59 5.53
C LEU C 93 -15.69 17.83 5.58
N SER C 94 -16.27 18.10 6.74
CA SER C 94 -17.16 19.23 6.90
C SER C 94 -16.95 19.86 8.28
N ALA C 95 -17.16 21.16 8.38
CA ALA C 95 -17.03 21.86 9.65
C ALA C 95 -17.90 23.11 9.68
N THR C 96 -18.33 23.51 10.87
CA THR C 96 -19.11 24.72 11.01
C THR C 96 -18.76 25.51 12.28
N THR C 97 -19.17 26.78 12.27
CA THR C 97 -19.27 27.58 13.48
C THR C 97 -20.67 28.19 13.50
N GLY C 98 -21.09 28.70 14.64
CA GLY C 98 -22.41 29.31 14.77
C GLY C 98 -22.33 30.62 15.55
N LEU C 99 -23.14 30.71 16.61
CA LEU C 99 -23.00 31.83 17.53
C LEU C 99 -21.59 31.81 18.07
N TYR C 100 -21.16 30.62 18.48
CA TYR C 100 -19.78 30.42 18.93
C TYR C 100 -18.94 29.86 17.79
N LYS C 101 -17.63 29.88 17.98
CA LYS C 101 -16.72 29.61 16.87
C LYS C 101 -15.43 28.92 17.30
N GLU C 102 -14.66 28.51 16.29
CA GLU C 102 -13.40 27.81 16.49
C GLU C 102 -12.74 27.71 15.13
N THR C 103 -11.42 27.53 15.09
CA THR C 103 -10.77 27.19 13.84
C THR C 103 -11.07 25.73 13.56
N ASN C 104 -11.31 25.41 12.29
CA ASN C 104 -11.50 24.02 11.88
C ASN C 104 -10.43 23.64 10.87
N THR C 105 -9.21 23.54 11.38
CA THR C 105 -8.04 23.34 10.54
C THR C 105 -7.75 21.86 10.37
N ILE C 106 -7.63 21.43 9.12
CA ILE C 106 -7.25 20.06 8.79
C ILE C 106 -5.78 20.05 8.37
N LEU C 107 -4.97 19.22 9.00
CA LEU C 107 -3.54 19.18 8.69
C LEU C 107 -3.20 18.02 7.76
N SER C 108 -4.00 16.97 7.82
CA SER C 108 -3.83 15.83 6.94
C SER C 108 -5.14 15.07 6.78
N TRP C 109 -5.24 14.30 5.71
CA TRP C 109 -6.43 13.51 5.43
C TRP C 109 -6.11 12.36 4.48
N SER C 110 -6.42 11.15 4.90
CA SER C 110 -6.25 9.98 4.03
C SER C 110 -7.49 9.11 4.04
N PHE C 111 -7.70 8.41 2.94
CA PHE C 111 -8.85 7.52 2.78
C PHE C 111 -8.46 6.31 1.94
N THR C 112 -8.99 5.15 2.29
CA THR C 112 -8.74 3.92 1.54
C THR C 112 -10.04 3.13 1.41
N SER C 113 -10.36 2.73 0.18
CA SER C 113 -11.54 1.91 -0.07
C SER C 113 -11.17 0.69 -0.90
N LYS C 114 -11.74 -0.45 -0.56
CA LYS C 114 -11.49 -1.69 -1.27
C LYS C 114 -12.78 -2.45 -1.55
N LEU C 115 -12.96 -2.85 -2.79
CA LEU C 115 -14.02 -3.79 -3.16
C LEU C 115 -13.39 -5.08 -3.65
N LYS C 116 -13.49 -6.14 -2.85
CA LYS C 116 -12.97 -7.43 -3.24
C LYS C 116 -14.13 -8.28 -3.72
N SER C 117 -14.17 -8.56 -5.02
CA SER C 117 -15.27 -9.33 -5.59
C SER C 117 -15.02 -10.83 -5.46
N ASN C 118 -16.04 -11.61 -5.82
CA ASN C 118 -15.95 -13.07 -5.79
C ASN C 118 -14.98 -13.63 -6.82
N SER C 119 -14.68 -12.84 -7.85
CA SER C 119 -13.71 -13.24 -8.86
C SER C 119 -12.31 -13.27 -8.24
N THR C 120 -11.71 -14.46 -8.20
CA THR C 120 -10.40 -14.67 -7.56
C THR C 120 -9.41 -13.58 -7.93
N HIS C 121 -8.71 -13.07 -6.92
CA HIS C 121 -7.69 -12.04 -7.11
C HIS C 121 -8.18 -10.82 -7.89
N GLU C 122 -9.44 -10.48 -7.73
CA GLU C 122 -9.99 -9.30 -8.38
C GLU C 122 -10.44 -8.26 -7.36
N THR C 123 -9.58 -7.26 -7.16
CA THR C 123 -9.85 -6.18 -6.23
C THR C 123 -9.86 -4.85 -6.96
N ASN C 124 -10.88 -4.03 -6.68
CA ASN C 124 -10.83 -2.63 -7.04
C ASN C 124 -10.47 -1.83 -5.79
N ALA C 125 -9.75 -0.72 -5.97
CA ALA C 125 -9.26 0.01 -4.81
C ALA C 125 -9.03 1.48 -5.09
N LEU C 126 -9.32 2.30 -4.11
CA LEU C 126 -9.02 3.72 -4.18
C LEU C 126 -8.31 4.13 -2.90
N HIS C 127 -7.25 4.91 -3.04
CA HIS C 127 -6.55 5.44 -1.88
C HIS C 127 -5.98 6.82 -2.17
N PHE C 128 -6.17 7.75 -1.24
CA PHE C 128 -5.50 9.04 -1.32
C PHE C 128 -4.96 9.51 0.04
N MET C 129 -3.97 10.39 0.00
CA MET C 129 -3.39 10.92 1.20
C MET C 129 -2.92 12.34 0.98
N PHE C 130 -3.40 13.24 1.85
CA PHE C 130 -2.96 14.62 1.83
C PHE C 130 -2.24 14.91 3.15
N ASN C 131 -0.95 15.20 3.08
CA ASN C 131 -0.25 15.71 4.26
C ASN C 131 0.00 17.19 4.11
N GLN C 132 -0.33 17.69 2.92
CA GLN C 132 -0.35 19.13 2.70
C GLN C 132 -1.35 19.50 1.63
N PHE C 133 -1.95 20.67 1.77
CA PHE C 133 -2.87 21.19 0.78
C PHE C 133 -2.30 22.49 0.22
N SER C 134 -2.37 22.64 -1.11
CA SER C 134 -1.88 23.85 -1.75
C SER C 134 -3.04 24.76 -2.15
N LYS C 135 -2.73 25.98 -2.56
CA LYS C 135 -3.75 26.98 -2.86
C LYS C 135 -4.69 26.53 -3.97
N ASP C 136 -4.18 25.73 -4.90
CA ASP C 136 -5.00 25.18 -5.98
C ASP C 136 -4.99 23.66 -5.92
N GLN C 137 -5.78 23.10 -5.01
CA GLN C 137 -5.83 21.65 -4.83
C GLN C 137 -6.88 21.02 -5.74
N LYS C 138 -6.49 20.71 -6.98
CA LYS C 138 -7.45 20.37 -8.02
C LYS C 138 -8.24 19.09 -7.78
N ASP C 139 -7.74 18.22 -6.90
CA ASP C 139 -8.42 16.96 -6.64
C ASP C 139 -9.36 17.05 -5.44
N LEU C 140 -9.65 18.27 -5.01
CA LEU C 140 -10.61 18.51 -3.94
C LEU C 140 -11.69 19.46 -4.41
N ILE C 141 -12.95 19.10 -4.13
CA ILE C 141 -14.05 20.01 -4.40
C ILE C 141 -14.35 20.80 -3.13
N LEU C 142 -14.04 22.09 -3.17
CA LEU C 142 -14.23 22.97 -2.02
C LEU C 142 -15.60 23.63 -2.09
N GLN C 143 -16.37 23.48 -1.01
CA GLN C 143 -17.70 24.06 -0.93
C GLN C 143 -17.81 25.00 0.27
N GLY C 144 -18.55 26.09 0.10
CA GLY C 144 -18.74 27.05 1.18
C GLY C 144 -17.49 27.86 1.46
N ASP C 145 -17.15 28.00 2.74
CA ASP C 145 -16.02 28.84 3.13
C ASP C 145 -14.67 28.11 3.13
N ALA C 146 -14.68 26.82 2.80
CA ALA C 146 -13.44 26.03 2.81
C ALA C 146 -12.35 26.60 1.90
N THR C 147 -11.13 26.68 2.41
CA THR C 147 -9.99 27.10 1.60
C THR C 147 -8.75 26.26 1.89
N THR C 148 -7.86 26.17 0.92
CA THR C 148 -6.62 25.41 1.07
C THR C 148 -5.39 26.29 0.90
N GLY C 149 -4.24 25.82 1.39
CA GLY C 149 -2.98 26.50 1.17
C GLY C 149 -2.41 27.24 2.36
N ARG C 150 -3.27 27.74 3.24
CA ARG C 150 -2.82 28.47 4.41
C ARG C 150 -1.95 27.59 5.30
N ASP C 151 -0.63 27.78 5.21
CA ASP C 151 0.33 26.95 5.93
C ASP C 151 0.25 25.48 5.50
N GLY C 152 -0.12 25.26 4.25
CA GLY C 152 -0.27 23.92 3.73
C GLY C 152 -1.45 23.18 4.35
N ASN C 153 -2.31 23.92 5.04
CA ASN C 153 -3.48 23.31 5.68
C ASN C 153 -4.78 23.53 4.91
N LEU C 154 -5.83 22.84 5.37
CA LEU C 154 -7.16 23.03 4.85
C LEU C 154 -8.04 23.64 5.93
N GLU C 155 -8.46 24.89 5.72
CA GLU C 155 -9.33 25.59 6.66
C GLU C 155 -10.76 25.38 6.23
N LEU C 156 -11.50 24.58 6.97
CA LEU C 156 -12.87 24.25 6.60
C LEU C 156 -13.79 25.47 6.75
N THR C 157 -13.69 26.14 7.89
CA THR C 157 -14.49 27.34 8.12
C THR C 157 -13.65 28.60 8.05
N ARG C 158 -14.35 29.73 7.90
CA ARG C 158 -13.70 31.03 7.68
C ARG C 158 -12.79 31.46 8.83
N VAL C 159 -11.59 31.93 8.48
CA VAL C 159 -10.62 32.43 9.44
C VAL C 159 -10.03 33.74 8.92
N SER C 160 -9.90 34.72 9.79
CA SER C 160 -9.40 36.04 9.37
C SER C 160 -7.89 36.05 9.16
N SER C 161 -7.39 37.14 8.59
CA SER C 161 -5.98 37.27 8.24
C SER C 161 -5.04 36.95 9.39
N ASN C 162 -5.47 37.24 10.62
CA ASN C 162 -4.62 37.03 11.79
C ASN C 162 -4.86 35.69 12.50
N GLY C 163 -5.72 34.85 11.94
CA GLY C 163 -5.96 33.53 12.49
C GLY C 163 -7.27 33.38 13.25
N SER C 164 -7.91 34.49 13.57
CA SER C 164 -9.18 34.46 14.31
C SER C 164 -10.31 33.85 13.49
N PRO C 165 -10.94 32.80 14.05
CA PRO C 165 -12.07 32.13 13.39
C PRO C 165 -13.31 33.02 13.36
N GLN C 166 -14.11 32.93 12.31
CA GLN C 166 -15.37 33.67 12.22
C GLN C 166 -16.54 32.79 12.62
N GLY C 167 -17.65 33.42 13.00
CA GLY C 167 -18.85 32.68 13.36
C GLY C 167 -19.75 32.44 12.16
N SER C 168 -20.82 31.70 12.36
CA SER C 168 -21.77 31.41 11.29
C SER C 168 -21.08 31.02 9.97
N SER C 169 -20.09 30.15 10.07
CA SER C 169 -19.36 29.69 8.89
C SER C 169 -19.58 28.20 8.63
N VAL C 170 -19.57 27.83 7.35
CA VAL C 170 -19.66 26.42 6.96
C VAL C 170 -18.79 26.16 5.74
N GLY C 171 -18.09 25.03 5.75
CA GLY C 171 -17.21 24.66 4.65
C GLY C 171 -16.99 23.16 4.56
N ARG C 172 -16.79 22.66 3.34
CA ARG C 172 -16.59 21.23 3.13
C ARG C 172 -15.55 20.99 2.04
N ALA C 173 -14.87 19.86 2.12
CA ALA C 173 -13.94 19.43 1.08
C ALA C 173 -14.29 18.00 0.72
N LEU C 174 -14.53 17.75 -0.57
CA LEU C 174 -14.83 16.41 -1.03
C LEU C 174 -13.79 15.96 -2.04
N PHE C 175 -13.40 14.68 -1.98
CA PHE C 175 -12.47 14.17 -2.97
C PHE C 175 -13.10 14.14 -4.35
N TYR C 176 -12.33 14.57 -5.34
CA TYR C 176 -12.83 14.79 -6.68
C TYR C 176 -13.53 13.57 -7.27
N ALA C 177 -12.90 12.40 -7.16
CA ALA C 177 -13.45 11.21 -7.83
C ALA C 177 -14.58 10.55 -7.03
N PRO C 178 -15.60 10.05 -7.75
CA PRO C 178 -16.60 9.18 -7.12
C PRO C 178 -15.92 7.95 -6.57
N VAL C 179 -16.49 7.40 -5.49
CA VAL C 179 -15.96 6.20 -4.88
C VAL C 179 -17.00 5.08 -4.95
N HIS C 180 -16.58 3.89 -5.32
CA HIS C 180 -17.47 2.75 -5.40
C HIS C 180 -17.50 2.07 -4.03
N ILE C 181 -18.46 2.46 -3.21
CA ILE C 181 -18.44 2.11 -1.79
C ILE C 181 -18.93 0.69 -1.51
N TRP C 182 -19.83 0.19 -2.36
CA TRP C 182 -20.25 -1.21 -2.28
C TRP C 182 -20.70 -1.73 -3.63
N GLU C 183 -20.83 -3.05 -3.73
CA GLU C 183 -21.30 -3.70 -4.94
C GLU C 183 -21.94 -5.04 -4.57
N SER C 184 -22.80 -5.55 -5.44
CA SER C 184 -23.49 -6.81 -5.16
C SER C 184 -22.54 -7.99 -5.22
N SER C 185 -21.63 -7.98 -6.19
CA SER C 185 -20.68 -9.08 -6.37
C SER C 185 -19.43 -8.90 -5.52
N ALA C 186 -19.50 -8.02 -4.52
CA ALA C 186 -18.38 -7.78 -3.64
C ALA C 186 -18.48 -8.61 -2.36
N VAL C 187 -17.48 -9.47 -2.13
CA VAL C 187 -17.44 -10.25 -0.90
C VAL C 187 -16.94 -9.42 0.27
N VAL C 188 -16.06 -8.45 -0.02
CA VAL C 188 -15.62 -7.48 0.98
C VAL C 188 -15.71 -6.05 0.44
N ALA C 189 -16.26 -5.15 1.25
CA ALA C 189 -16.28 -3.72 0.93
C ALA C 189 -15.89 -2.92 2.15
N SER C 190 -14.59 -2.69 2.31
CA SER C 190 -14.09 -1.97 3.48
C SER C 190 -13.67 -0.56 3.11
N PHE C 191 -13.53 0.28 4.14
CA PHE C 191 -12.87 1.58 3.98
C PHE C 191 -12.30 2.05 5.32
N ASP C 192 -11.25 2.85 5.23
CA ASP C 192 -10.63 3.48 6.39
C ASP C 192 -10.44 4.95 6.06
N ALA C 193 -10.59 5.79 7.07
CA ALA C 193 -10.31 7.22 6.91
C ALA C 193 -9.53 7.71 8.11
N THR C 194 -8.61 8.63 7.87
CA THR C 194 -7.86 9.25 8.95
C THR C 194 -7.71 10.72 8.63
N PHE C 195 -7.78 11.56 9.66
CA PHE C 195 -7.41 12.94 9.47
C PHE C 195 -6.89 13.52 10.77
N THR C 196 -6.02 14.52 10.65
CA THR C 196 -5.50 15.23 11.81
C THR C 196 -6.04 16.65 11.74
N PHE C 197 -6.29 17.22 12.91
CA PHE C 197 -7.02 18.48 12.97
C PHE C 197 -6.52 19.34 14.12
N LEU C 198 -6.64 20.65 13.95
CA LEU C 198 -6.32 21.59 15.01
C LEU C 198 -7.53 22.50 15.23
N ILE C 199 -8.14 22.35 16.40
CA ILE C 199 -9.27 23.19 16.80
C ILE C 199 -8.85 24.11 17.93
N LYS C 200 -8.79 25.40 17.66
CA LYS C 200 -8.51 26.36 18.70
C LYS C 200 -9.59 27.44 18.77
N SER C 201 -9.79 27.97 19.97
CA SER C 201 -10.80 28.99 20.22
C SER C 201 -10.42 29.79 21.44
N SER C 202 -10.87 31.04 21.49
CA SER C 202 -10.67 31.86 22.69
C SER C 202 -11.99 32.17 23.38
N ASP C 203 -13.06 31.55 22.88
CA ASP C 203 -14.39 31.67 23.49
C ASP C 203 -14.48 30.80 24.73
N SER C 204 -15.46 31.08 25.58
CA SER C 204 -15.74 30.25 26.73
C SER C 204 -16.17 28.87 26.23
N HIS C 205 -16.79 28.85 25.06
CA HIS C 205 -17.26 27.61 24.45
C HIS C 205 -16.95 27.61 22.96
N PRO C 206 -16.10 26.67 22.52
CA PRO C 206 -15.85 26.50 21.08
C PRO C 206 -17.02 25.76 20.42
N ALA C 207 -17.25 26.06 19.14
CA ALA C 207 -18.30 25.42 18.37
C ALA C 207 -17.91 25.51 16.91
N ASP C 208 -18.44 24.62 16.07
CA ASP C 208 -19.44 23.62 16.44
C ASP C 208 -18.94 22.19 16.26
N GLY C 209 -17.92 22.02 15.43
CA GLY C 209 -17.32 20.71 15.24
C GLY C 209 -16.82 20.42 13.83
N ILE C 210 -16.29 19.21 13.68
CA ILE C 210 -15.78 18.72 12.41
C ILE C 210 -16.37 17.33 12.14
N ALA C 211 -16.54 16.97 10.88
CA ALA C 211 -17.01 15.64 10.55
C ALA C 211 -16.42 15.08 9.26
N PHE C 212 -16.08 13.79 9.30
CA PHE C 212 -15.83 13.04 8.08
C PHE C 212 -17.16 12.47 7.62
N PHE C 213 -17.48 12.58 6.33
CA PHE C 213 -18.78 12.11 5.85
C PHE C 213 -18.71 11.39 4.51
N ILE C 214 -19.78 10.65 4.23
CA ILE C 214 -19.94 9.92 2.98
C ILE C 214 -21.34 10.21 2.46
N SER C 215 -21.43 10.70 1.23
CA SER C 215 -22.69 11.15 0.69
C SER C 215 -22.89 10.72 -0.75
N ASN C 216 -24.10 10.90 -1.26
CA ASN C 216 -24.35 10.77 -2.69
C ASN C 216 -23.39 11.67 -3.45
N ILE C 217 -23.06 11.29 -4.68
CA ILE C 217 -21.99 11.93 -5.42
C ILE C 217 -22.20 13.42 -5.66
N ASP C 218 -23.46 13.84 -5.75
CA ASP C 218 -23.78 15.25 -6.01
C ASP C 218 -24.11 16.04 -4.74
N SER C 219 -23.62 15.57 -3.60
CA SER C 219 -23.91 16.23 -2.33
C SER C 219 -23.46 17.69 -2.29
N SER C 220 -24.31 18.53 -1.70
CA SER C 220 -23.96 19.93 -1.53
C SER C 220 -24.37 20.40 -0.15
N ILE C 221 -23.77 21.51 0.31
CA ILE C 221 -24.12 22.09 1.59
C ILE C 221 -25.60 22.44 1.62
N PRO C 222 -26.37 21.78 2.51
CA PRO C 222 -27.79 22.08 2.61
C PRO C 222 -28.00 23.52 3.08
N SER C 223 -29.08 24.14 2.62
CA SER C 223 -29.38 25.50 3.04
C SER C 223 -29.53 25.56 4.56
N GLY C 224 -28.86 26.54 5.17
CA GLY C 224 -28.99 26.82 6.58
C GLY C 224 -28.37 25.80 7.52
N SER C 225 -27.34 25.09 7.04
CA SER C 225 -26.73 24.02 7.83
C SER C 225 -25.49 24.46 8.61
N THR C 226 -25.39 25.74 8.94
CA THR C 226 -24.30 26.22 9.78
C THR C 226 -24.53 25.79 11.23
N GLY C 227 -23.56 26.09 12.08
CA GLY C 227 -23.69 25.77 13.49
C GLY C 227 -23.93 24.29 13.74
N ARG C 228 -25.02 23.98 14.43
CA ARG C 228 -25.25 22.65 14.95
C ARG C 228 -25.50 21.57 13.89
N LEU C 229 -25.86 21.99 12.68
CA LEU C 229 -26.11 21.02 11.60
C LEU C 229 -24.83 20.55 10.91
N LEU C 230 -23.70 21.13 11.32
CA LEU C 230 -22.38 20.66 10.87
C LEU C 230 -22.20 20.64 9.35
N GLY C 231 -23.04 21.37 8.63
CA GLY C 231 -22.93 21.46 7.19
C GLY C 231 -23.34 20.19 6.46
N LEU C 232 -23.99 19.29 7.19
CA LEU C 232 -24.34 17.98 6.66
C LEU C 232 -25.83 17.78 6.42
N PHE C 233 -26.65 18.31 7.31
CA PHE C 233 -28.10 18.05 7.27
C PHE C 233 -28.91 19.34 7.16
N PRO C 234 -30.08 19.27 6.50
CA PRO C 234 -30.96 20.43 6.33
C PRO C 234 -31.74 20.76 7.59
N ASP C 235 -31.81 19.82 8.53
CA ASP C 235 -32.62 19.98 9.74
C ASP C 235 -32.14 19.04 10.83
N ALA C 236 -32.71 19.18 12.02
CA ALA C 236 -32.26 18.39 13.18
C ALA C 236 -33.16 17.20 13.49
N ASN C 237 -33.86 16.68 12.49
CA ASN C 237 -34.68 15.49 12.70
C ASN C 237 -33.85 14.21 12.60
N ALA D 1 -4.25 22.34 -28.16
CA ALA D 1 -3.24 21.31 -28.38
C ALA D 1 -2.87 20.62 -27.07
N ASP D 2 -3.03 19.30 -27.04
CA ASP D 2 -2.75 18.54 -25.84
C ASP D 2 -1.26 18.32 -25.62
N THR D 3 -0.88 18.10 -24.37
CA THR D 3 0.48 17.69 -24.03
C THR D 3 0.44 16.22 -23.68
N ILE D 4 1.13 15.40 -24.45
CA ILE D 4 1.09 13.95 -24.27
C ILE D 4 2.44 13.33 -23.96
N VAL D 5 2.47 12.54 -22.89
CA VAL D 5 3.56 11.63 -22.61
C VAL D 5 2.93 10.24 -22.56
N ALA D 6 3.51 9.30 -23.28
CA ALA D 6 2.89 7.97 -23.34
C ALA D 6 3.87 6.83 -23.53
N VAL D 7 3.43 5.64 -23.15
CA VAL D 7 4.10 4.38 -23.48
C VAL D 7 3.22 3.58 -24.44
N GLU D 8 3.68 3.44 -25.67
CA GLU D 8 2.89 2.77 -26.71
C GLU D 8 3.26 1.30 -26.88
N LEU D 9 2.24 0.45 -26.93
CA LEU D 9 2.41 -0.93 -27.37
C LEU D 9 2.00 -0.93 -28.83
N ASP D 10 2.98 -0.77 -29.71
CA ASP D 10 2.71 -0.53 -31.12
C ASP D 10 2.78 -1.82 -31.94
N THR D 11 1.62 -2.34 -32.32
CA THR D 11 1.54 -3.61 -33.03
C THR D 11 1.78 -3.51 -34.54
N TYR D 12 1.65 -2.32 -35.10
CA TYR D 12 1.74 -2.16 -36.55
C TYR D 12 2.79 -1.14 -36.98
N PRO D 13 3.81 -1.58 -37.74
CA PRO D 13 4.86 -0.65 -38.18
C PRO D 13 4.39 0.33 -39.24
N ASN D 14 4.41 1.62 -38.91
CA ASN D 14 4.20 2.68 -39.90
C ASN D 14 5.52 3.37 -40.19
N THR D 15 6.32 2.77 -41.09
CA THR D 15 7.68 3.25 -41.36
C THR D 15 7.73 4.70 -41.82
N ASP D 16 6.66 5.19 -42.44
CA ASP D 16 6.65 6.55 -42.96
C ASP D 16 6.51 7.62 -41.87
N ILE D 17 6.28 7.20 -40.63
CA ILE D 17 6.23 8.14 -39.52
C ILE D 17 7.26 7.80 -38.45
N GLY D 18 8.31 7.10 -38.84
CA GLY D 18 9.44 6.85 -37.95
C GLY D 18 9.43 5.54 -37.19
N ASP D 19 8.39 4.73 -37.38
CA ASP D 19 8.36 3.42 -36.75
C ASP D 19 9.48 2.53 -37.24
N PRO D 20 10.04 1.72 -36.33
CA PRO D 20 10.90 0.62 -36.75
C PRO D 20 10.04 -0.38 -37.54
N SER D 21 10.68 -1.29 -38.28
CA SER D 21 9.96 -2.19 -39.18
C SER D 21 9.44 -3.45 -38.49
N TYR D 22 9.22 -3.38 -37.19
CA TYR D 22 8.68 -4.51 -36.44
C TYR D 22 7.77 -3.98 -35.33
N PRO D 23 6.83 -4.81 -34.85
CA PRO D 23 6.04 -4.40 -33.70
C PRO D 23 6.99 -4.03 -32.56
N HIS D 24 6.60 -3.06 -31.74
CA HIS D 24 7.54 -2.49 -30.79
C HIS D 24 6.84 -1.78 -29.64
N ILE D 25 7.58 -1.54 -28.57
CA ILE D 25 7.13 -0.65 -27.52
C ILE D 25 7.96 0.62 -27.61
N GLY D 26 7.37 1.74 -27.25
CA GLY D 26 8.06 3.00 -27.37
C GLY D 26 7.67 4.02 -26.33
N ILE D 27 8.58 4.95 -26.08
CA ILE D 27 8.33 6.06 -25.20
C ILE D 27 8.09 7.32 -26.03
N ASP D 28 6.88 7.86 -25.94
CA ASP D 28 6.50 9.04 -26.70
C ASP D 28 6.47 10.27 -25.81
N ILE D 29 7.25 11.27 -26.18
CA ILE D 29 7.25 12.54 -25.48
C ILE D 29 6.75 13.64 -26.43
N LYS D 30 5.46 13.94 -26.36
CA LYS D 30 4.84 15.02 -27.11
C LYS D 30 4.84 14.79 -28.62
N SER D 31 5.10 13.54 -29.03
CA SER D 31 5.12 13.20 -30.44
C SER D 31 4.96 11.69 -30.62
N VAL D 32 4.28 11.29 -31.70
CA VAL D 32 4.08 9.88 -32.03
C VAL D 32 5.39 9.19 -32.47
N ARG D 33 6.37 9.99 -32.88
CA ARG D 33 7.68 9.45 -33.23
C ARG D 33 8.47 9.21 -31.95
N SER D 34 8.51 7.95 -31.52
CA SER D 34 9.08 7.60 -30.23
C SER D 34 10.51 8.09 -30.02
N LYS D 35 10.80 8.58 -28.81
CA LYS D 35 12.16 8.96 -28.45
C LYS D 35 13.00 7.70 -28.32
N LYS D 36 12.33 6.58 -28.06
CA LYS D 36 13.03 5.32 -27.86
C LYS D 36 12.07 4.17 -28.13
N THR D 37 12.55 3.18 -28.88
CA THR D 37 11.75 1.98 -29.15
C THR D 37 12.56 0.74 -28.85
N ALA D 38 11.86 -0.38 -28.70
CA ALA D 38 12.50 -1.68 -28.57
C ALA D 38 11.57 -2.70 -29.22
N LYS D 39 12.16 -3.65 -29.94
CA LYS D 39 11.39 -4.67 -30.64
C LYS D 39 10.49 -5.42 -29.66
N TRP D 40 9.25 -5.64 -30.06
CA TRP D 40 8.29 -6.32 -29.20
C TRP D 40 7.52 -7.40 -29.95
N ASN D 41 7.60 -8.63 -29.46
CA ASN D 41 6.80 -9.70 -30.03
C ASN D 41 5.44 -9.81 -29.36
N MET D 42 4.44 -9.19 -29.99
CA MET D 42 3.09 -9.28 -29.50
C MET D 42 2.57 -10.70 -29.70
N GLN D 43 1.92 -11.24 -28.67
CA GLN D 43 1.38 -12.60 -28.73
C GLN D 43 -0.14 -12.60 -28.86
N ASN D 44 -0.62 -12.85 -30.08
CA ASN D 44 -2.04 -12.88 -30.38
C ASN D 44 -2.81 -13.83 -29.48
N GLY D 45 -3.75 -13.28 -28.71
CA GLY D 45 -4.61 -14.10 -27.87
C GLY D 45 -4.19 -14.26 -26.42
N LYS D 46 -2.97 -13.85 -26.09
CA LYS D 46 -2.47 -14.00 -24.72
C LYS D 46 -2.72 -12.75 -23.88
N VAL D 47 -2.84 -12.93 -22.57
CA VAL D 47 -2.92 -11.82 -21.63
C VAL D 47 -1.52 -11.28 -21.35
N GLY D 48 -1.27 -10.04 -21.77
CA GLY D 48 0.01 -9.40 -21.53
C GLY D 48 -0.05 -8.46 -20.35
N THR D 49 1.12 -8.07 -19.84
CA THR D 49 1.21 -7.14 -18.73
C THR D 49 2.24 -6.06 -19.04
N ALA D 50 1.84 -4.81 -18.85
CA ALA D 50 2.73 -3.68 -19.06
C ALA D 50 2.99 -2.97 -17.74
N HIS D 51 4.25 -2.75 -17.41
CA HIS D 51 4.63 -2.01 -16.20
C HIS D 51 5.32 -0.71 -16.58
N ILE D 52 4.84 0.41 -16.04
CA ILE D 52 5.46 1.70 -16.31
C ILE D 52 5.96 2.35 -15.01
N ILE D 53 7.21 2.79 -15.02
CA ILE D 53 7.85 3.33 -13.81
C ILE D 53 8.55 4.65 -14.06
N TYR D 54 8.45 5.56 -13.10
CA TYR D 54 9.18 6.82 -13.16
C TYR D 54 9.37 7.44 -11.78
N ASN D 55 10.53 8.06 -11.56
CA ASN D 55 10.76 8.89 -10.38
C ASN D 55 11.65 10.07 -10.73
N SER D 56 11.50 11.17 -9.99
CA SER D 56 12.13 12.44 -10.35
C SER D 56 13.60 12.54 -9.93
N VAL D 57 14.15 11.47 -9.38
CA VAL D 57 15.55 11.47 -8.99
C VAL D 57 16.39 10.84 -10.08
N GLY D 58 16.06 9.62 -10.46
CA GLY D 58 16.73 8.94 -11.55
C GLY D 58 16.34 9.50 -12.90
N LYS D 59 15.14 10.09 -12.96
CA LYS D 59 14.62 10.72 -14.18
C LYS D 59 14.75 9.80 -15.41
N ARG D 60 14.27 8.58 -15.26
CA ARG D 60 14.28 7.62 -16.36
C ARG D 60 12.92 6.96 -16.47
N LEU D 61 12.16 7.36 -17.49
CA LEU D 61 10.87 6.74 -17.73
C LEU D 61 11.12 5.33 -18.27
N SER D 62 10.67 4.32 -17.52
CA SER D 62 10.96 2.94 -17.89
C SER D 62 9.68 2.14 -18.05
N ALA D 63 9.68 1.24 -19.04
CA ALA D 63 8.51 0.42 -19.32
C ALA D 63 8.95 -1.01 -19.68
N VAL D 64 8.13 -1.98 -19.30
CA VAL D 64 8.38 -3.37 -19.67
C VAL D 64 7.05 -4.06 -19.94
N VAL D 65 6.97 -4.80 -21.04
CA VAL D 65 5.78 -5.54 -21.39
C VAL D 65 6.15 -7.03 -21.47
N SER D 66 5.36 -7.87 -20.83
CA SER D 66 5.69 -9.29 -20.76
C SER D 66 4.47 -10.17 -20.92
N TYR D 67 4.71 -11.42 -21.28
CA TYR D 67 3.67 -12.44 -21.33
C TYR D 67 4.07 -13.58 -20.40
N PRO D 68 3.11 -14.46 -20.06
CA PRO D 68 3.39 -15.62 -19.20
C PRO D 68 4.48 -16.52 -19.79
N ASN D 69 4.74 -16.36 -21.09
CA ASN D 69 5.74 -17.14 -21.82
C ASN D 69 6.95 -17.64 -21.03
N GLY D 70 7.76 -16.74 -20.47
CA GLY D 70 7.51 -15.32 -20.51
C GLY D 70 8.56 -14.53 -21.28
N ASP D 71 8.27 -14.24 -22.54
CA ASP D 71 9.08 -13.32 -23.32
C ASP D 71 8.70 -11.89 -22.92
N SER D 72 9.64 -10.96 -23.01
CA SER D 72 9.35 -9.59 -22.61
C SER D 72 10.23 -8.55 -23.31
N ALA D 73 9.71 -7.33 -23.40
CA ALA D 73 10.45 -6.24 -24.00
C ALA D 73 10.51 -5.06 -23.04
N THR D 74 11.63 -4.36 -23.06
CA THR D 74 11.88 -3.25 -22.13
C THR D 74 12.37 -2.03 -22.87
N VAL D 75 11.92 -0.85 -22.44
CA VAL D 75 12.35 0.41 -23.04
C VAL D 75 12.51 1.46 -21.95
N SER D 76 13.54 2.28 -22.06
CA SER D 76 13.81 3.35 -21.09
C SER D 76 14.23 4.64 -21.80
N TYR D 77 13.90 5.76 -21.20
CA TYR D 77 14.30 7.04 -21.75
C TYR D 77 14.57 8.05 -20.65
N ASP D 78 15.78 8.62 -20.68
CA ASP D 78 16.15 9.64 -19.71
C ASP D 78 15.50 10.97 -20.07
N VAL D 79 14.71 11.49 -19.14
CA VAL D 79 13.96 12.72 -19.37
C VAL D 79 13.44 13.27 -18.04
N ASP D 80 13.40 14.59 -17.92
CA ASP D 80 12.84 15.24 -16.75
C ASP D 80 11.40 15.60 -17.05
N LEU D 81 10.47 14.79 -16.60
CA LEU D 81 9.07 14.94 -16.98
C LEU D 81 8.39 16.20 -16.43
N ASP D 82 8.95 16.77 -15.35
CA ASP D 82 8.36 18.01 -14.84
C ASP D 82 8.81 19.21 -15.69
N ASN D 83 9.60 18.95 -16.73
CA ASN D 83 9.87 19.93 -17.77
C ASN D 83 8.93 19.76 -18.95
N VAL D 84 8.22 18.64 -18.98
CA VAL D 84 7.32 18.34 -20.08
C VAL D 84 5.85 18.54 -19.70
N LEU D 85 5.44 17.84 -18.65
CA LEU D 85 4.03 17.78 -18.27
C LEU D 85 3.62 18.97 -17.42
N PRO D 86 2.31 19.32 -17.47
CA PRO D 86 1.81 20.30 -16.52
C PRO D 86 1.82 19.73 -15.09
N GLU D 87 1.74 20.60 -14.10
CA GLU D 87 1.81 20.20 -12.70
C GLU D 87 0.70 19.23 -12.33
N TRP D 88 -0.51 19.51 -12.82
CA TRP D 88 -1.66 18.61 -12.66
C TRP D 88 -1.99 17.96 -14.00
N VAL D 89 -2.27 16.66 -13.96
CA VAL D 89 -2.53 15.89 -15.19
C VAL D 89 -3.72 14.93 -14.99
N ARG D 90 -4.16 14.32 -16.09
CA ARG D 90 -4.97 13.11 -16.00
C ARG D 90 -4.19 11.95 -16.60
N VAL D 91 -4.50 10.74 -16.14
CA VAL D 91 -3.86 9.54 -16.67
C VAL D 91 -4.92 8.68 -17.35
N GLY D 92 -4.52 8.01 -18.42
CA GLY D 92 -5.46 7.19 -19.16
C GLY D 92 -4.82 6.09 -19.97
N LEU D 93 -5.68 5.31 -20.62
CA LEU D 93 -5.28 4.32 -21.60
C LEU D 93 -5.96 4.69 -22.90
N SER D 94 -5.31 4.39 -24.03
CA SER D 94 -5.85 4.69 -25.35
C SER D 94 -5.53 3.54 -26.32
N ALA D 95 -6.38 3.35 -27.32
CA ALA D 95 -6.12 2.35 -28.36
C ALA D 95 -6.84 2.68 -29.66
N THR D 96 -6.31 2.15 -30.76
CA THR D 96 -6.90 2.38 -32.08
C THR D 96 -6.79 1.17 -32.99
N THR D 97 -7.54 1.25 -34.09
CA THR D 97 -7.42 0.35 -35.21
C THR D 97 -7.50 1.23 -36.46
N GLY D 98 -7.04 0.71 -37.59
CA GLY D 98 -7.16 1.43 -38.84
C GLY D 98 -7.75 0.52 -39.90
N LEU D 99 -7.09 0.46 -41.04
CA LEU D 99 -7.46 -0.49 -42.08
C LEU D 99 -7.29 -1.89 -41.50
N TYR D 100 -6.22 -2.07 -40.73
CA TYR D 100 -6.03 -3.31 -39.96
C TYR D 100 -6.55 -3.14 -38.54
N LYS D 101 -6.83 -4.26 -37.88
CA LYS D 101 -7.53 -4.20 -36.60
C LYS D 101 -7.15 -5.33 -35.63
N GLU D 102 -7.61 -5.18 -34.40
CA GLU D 102 -7.31 -6.09 -33.31
C GLU D 102 -8.24 -5.73 -32.17
N THR D 103 -8.47 -6.64 -31.24
CA THR D 103 -9.13 -6.26 -30.00
C THR D 103 -8.12 -5.50 -29.16
N ASN D 104 -8.60 -4.53 -28.39
CA ASN D 104 -7.76 -3.82 -27.43
C ASN D 104 -8.42 -3.85 -26.06
N THR D 105 -8.45 -5.04 -25.48
CA THR D 105 -9.17 -5.26 -24.24
C THR D 105 -8.26 -5.08 -23.03
N ILE D 106 -8.71 -4.25 -22.08
CA ILE D 106 -7.99 -4.04 -20.82
C ILE D 106 -8.64 -4.87 -19.71
N LEU D 107 -7.86 -5.73 -19.08
CA LEU D 107 -8.39 -6.61 -18.04
C LEU D 107 -8.20 -6.03 -16.65
N SER D 108 -7.20 -5.17 -16.51
CA SER D 108 -6.94 -4.50 -15.24
C SER D 108 -6.03 -3.29 -15.45
N TRP D 109 -6.04 -2.38 -14.49
CA TRP D 109 -5.27 -1.15 -14.57
C TRP D 109 -5.08 -0.59 -13.15
N SER D 110 -3.84 -0.37 -12.76
CA SER D 110 -3.57 0.27 -11.48
C SER D 110 -2.60 1.42 -11.68
N PHE D 111 -2.58 2.33 -10.71
CA PHE D 111 -1.73 3.51 -10.81
C PHE D 111 -1.42 4.05 -9.42
N THR D 112 -0.16 4.44 -9.22
CA THR D 112 0.25 5.03 -7.97
C THR D 112 1.11 6.25 -8.24
N SER D 113 0.75 7.36 -7.60
CA SER D 113 1.53 8.59 -7.65
C SER D 113 1.86 9.06 -6.24
N LYS D 114 3.08 9.56 -6.05
CA LYS D 114 3.53 10.03 -4.75
C LYS D 114 4.36 11.31 -4.87
N LEU D 115 4.08 12.25 -3.97
CA LEU D 115 4.88 13.44 -3.81
C LEU D 115 5.39 13.49 -2.38
N LYS D 116 6.70 13.39 -2.20
CA LYS D 116 7.29 13.42 -0.87
C LYS D 116 8.02 14.75 -0.67
N SER D 117 7.55 15.55 0.27
CA SER D 117 8.09 16.89 0.44
C SER D 117 9.30 16.92 1.38
N ASN D 118 9.96 18.08 1.42
CA ASN D 118 11.10 18.30 2.29
C ASN D 118 10.69 18.21 3.76
N SER D 119 9.47 18.66 4.06
CA SER D 119 8.94 18.59 5.41
C SER D 119 8.95 17.14 5.86
N THR D 120 9.73 16.85 6.90
CA THR D 120 9.94 15.49 7.37
C THR D 120 8.67 14.65 7.29
N HIS D 121 8.77 13.53 6.60
CA HIS D 121 7.60 12.72 6.24
C HIS D 121 6.72 13.52 5.27
N GLU D 122 5.47 13.76 5.66
CA GLU D 122 4.55 14.52 4.83
C GLU D 122 4.57 14.10 3.36
N THR D 123 3.73 13.14 3.02
CA THR D 123 3.63 12.62 1.67
C THR D 123 2.22 12.88 1.15
N ASN D 124 2.12 13.25 -0.12
CA ASN D 124 0.83 13.20 -0.81
C ASN D 124 0.81 12.01 -1.76
N ALA D 125 -0.27 11.24 -1.71
CA ALA D 125 -0.35 10.03 -2.52
C ALA D 125 -1.71 9.85 -3.17
N LEU D 126 -1.71 9.20 -4.33
CA LEU D 126 -2.93 8.76 -4.97
C LEU D 126 -2.72 7.37 -5.55
N HIS D 127 -3.65 6.46 -5.27
CA HIS D 127 -3.59 5.13 -5.84
C HIS D 127 -4.96 4.59 -6.20
N PHE D 128 -5.06 4.00 -7.38
CA PHE D 128 -6.27 3.31 -7.75
C PHE D 128 -5.94 1.98 -8.40
N MET D 129 -6.90 1.07 -8.37
CA MET D 129 -6.72 -0.23 -9.00
C MET D 129 -8.06 -0.71 -9.50
N PHE D 130 -8.10 -1.09 -10.76
CA PHE D 130 -9.27 -1.74 -11.35
C PHE D 130 -8.90 -3.16 -11.75
N ASN D 131 -9.58 -4.15 -11.18
CA ASN D 131 -9.44 -5.52 -11.63
C ASN D 131 -10.70 -5.97 -12.35
N GLN D 132 -11.72 -5.13 -12.29
CA GLN D 132 -12.92 -5.34 -13.10
C GLN D 132 -13.62 -4.03 -13.42
N PHE D 133 -14.26 -3.98 -14.58
CA PHE D 133 -14.92 -2.77 -15.04
C PHE D 133 -16.42 -3.00 -15.24
N SER D 134 -17.24 -2.34 -14.44
CA SER D 134 -18.69 -2.44 -14.58
C SER D 134 -19.20 -1.53 -15.69
N LYS D 135 -20.46 -1.70 -16.07
CA LYS D 135 -21.03 -0.96 -17.18
C LYS D 135 -21.11 0.53 -16.90
N ASP D 136 -21.30 0.86 -15.63
CA ASP D 136 -21.33 2.26 -15.21
C ASP D 136 -20.17 2.53 -14.27
N GLN D 137 -18.99 2.72 -14.84
CA GLN D 137 -17.77 2.95 -14.06
C GLN D 137 -17.57 4.45 -13.89
N LYS D 138 -18.23 5.02 -12.86
CA LYS D 138 -18.28 6.46 -12.66
C LYS D 138 -16.92 7.14 -12.44
N ASP D 139 -15.92 6.39 -11.99
CA ASP D 139 -14.61 6.97 -11.74
C ASP D 139 -13.70 6.89 -12.97
N LEU D 140 -14.28 6.54 -14.11
CA LEU D 140 -13.60 6.61 -15.39
C LEU D 140 -14.28 7.61 -16.31
N ILE D 141 -13.48 8.29 -17.13
CA ILE D 141 -14.01 9.11 -18.19
C ILE D 141 -13.76 8.37 -19.51
N LEU D 142 -14.82 7.90 -20.14
CA LEU D 142 -14.69 7.19 -21.40
C LEU D 142 -14.81 8.14 -22.60
N GLN D 143 -13.90 7.99 -23.55
CA GLN D 143 -13.89 8.81 -24.75
C GLN D 143 -13.90 7.94 -26.00
N GLY D 144 -14.53 8.42 -27.07
CA GLY D 144 -14.57 7.68 -28.32
C GLY D 144 -15.34 6.38 -28.23
N ASP D 145 -14.77 5.32 -28.79
CA ASP D 145 -15.44 4.02 -28.88
C ASP D 145 -15.35 3.19 -27.59
N ALA D 146 -14.60 3.68 -26.61
CA ALA D 146 -14.34 2.93 -25.39
C ALA D 146 -15.61 2.58 -24.61
N THR D 147 -15.72 1.33 -24.17
CA THR D 147 -16.82 0.90 -23.33
C THR D 147 -16.31 -0.03 -22.23
N THR D 148 -17.06 -0.07 -21.13
CA THR D 148 -16.72 -0.93 -20.01
C THR D 148 -17.86 -1.90 -19.75
N GLY D 149 -17.56 -3.00 -19.06
CA GLY D 149 -18.60 -3.92 -18.65
C GLY D 149 -18.62 -5.26 -19.38
N ARG D 150 -18.16 -5.25 -20.64
CA ARG D 150 -18.13 -6.47 -21.43
C ARG D 150 -17.21 -7.50 -20.79
N ASP D 151 -17.81 -8.46 -20.08
CA ASP D 151 -17.07 -9.48 -19.33
C ASP D 151 -16.26 -8.85 -18.19
N GLY D 152 -16.70 -7.69 -17.71
CA GLY D 152 -16.00 -7.00 -16.64
C GLY D 152 -14.69 -6.40 -17.12
N ASN D 153 -14.53 -6.31 -18.43
CA ASN D 153 -13.33 -5.73 -19.03
C ASN D 153 -13.59 -4.33 -19.60
N LEU D 154 -12.50 -3.65 -19.92
CA LEU D 154 -12.57 -2.37 -20.61
C LEU D 154 -12.18 -2.59 -22.07
N GLU D 155 -13.12 -2.34 -22.98
CA GLU D 155 -12.83 -2.44 -24.40
C GLU D 155 -12.58 -1.05 -24.96
N LEU D 156 -11.33 -0.77 -25.32
CA LEU D 156 -10.96 0.57 -25.78
C LEU D 156 -11.44 0.85 -27.20
N THR D 157 -11.34 -0.15 -28.08
CA THR D 157 -11.83 0.00 -29.44
C THR D 157 -13.03 -0.90 -29.69
N ARG D 158 -13.76 -0.61 -30.77
CA ARG D 158 -15.04 -1.26 -31.01
C ARG D 158 -14.94 -2.77 -31.21
N VAL D 159 -15.83 -3.51 -30.53
CA VAL D 159 -15.92 -4.95 -30.69
C VAL D 159 -17.36 -5.35 -31.03
N SER D 160 -17.53 -6.02 -32.16
CA SER D 160 -18.85 -6.46 -32.59
C SER D 160 -19.44 -7.47 -31.62
N SER D 161 -20.70 -7.84 -31.87
CA SER D 161 -21.41 -8.76 -30.99
C SER D 161 -20.67 -10.10 -30.78
N ASN D 162 -20.04 -10.60 -31.83
CA ASN D 162 -19.40 -11.92 -31.77
C ASN D 162 -17.98 -11.91 -31.20
N GLY D 163 -17.47 -10.72 -30.91
CA GLY D 163 -16.14 -10.58 -30.36
C GLY D 163 -15.09 -10.14 -31.38
N SER D 164 -15.54 -9.86 -32.60
CA SER D 164 -14.64 -9.41 -33.65
C SER D 164 -14.41 -7.90 -33.59
N PRO D 165 -13.13 -7.47 -33.68
CA PRO D 165 -12.78 -6.05 -33.67
C PRO D 165 -13.18 -5.32 -34.95
N GLN D 166 -13.45 -4.02 -34.83
CA GLN D 166 -13.79 -3.19 -35.98
C GLN D 166 -12.59 -2.33 -36.34
N GLY D 167 -12.54 -1.86 -37.59
CA GLY D 167 -11.46 -1.02 -38.05
C GLY D 167 -11.74 0.46 -37.86
N SER D 168 -10.71 1.28 -38.05
CA SER D 168 -10.85 2.74 -37.94
C SER D 168 -11.56 3.14 -36.64
N SER D 169 -11.16 2.52 -35.54
CA SER D 169 -11.76 2.76 -34.24
C SER D 169 -10.75 3.47 -33.35
N VAL D 170 -11.23 4.34 -32.46
CA VAL D 170 -10.38 4.98 -31.48
C VAL D 170 -11.14 5.13 -30.16
N GLY D 171 -10.47 4.82 -29.06
CA GLY D 171 -11.07 4.91 -27.74
C GLY D 171 -10.07 5.14 -26.62
N ARG D 172 -10.49 5.84 -25.57
CA ARG D 172 -9.62 6.14 -24.44
C ARG D 172 -10.40 6.09 -23.13
N ALA D 173 -9.71 5.78 -22.04
CA ALA D 173 -10.29 5.88 -20.71
C ALA D 173 -9.34 6.65 -19.79
N LEU D 174 -9.86 7.66 -19.11
CA LEU D 174 -9.05 8.45 -18.20
C LEU D 174 -9.59 8.37 -16.78
N PHE D 175 -8.71 8.30 -15.79
CA PHE D 175 -9.15 8.33 -14.41
C PHE D 175 -9.80 9.67 -14.09
N TYR D 176 -10.90 9.63 -13.34
CA TYR D 176 -11.74 10.80 -13.13
C TYR D 176 -11.04 12.00 -12.47
N ALA D 177 -10.22 11.73 -11.46
CA ALA D 177 -9.60 12.79 -10.68
C ALA D 177 -8.30 13.29 -11.28
N PRO D 178 -8.06 14.62 -11.21
CA PRO D 178 -6.76 15.18 -11.59
C PRO D 178 -5.65 14.60 -10.72
N VAL D 179 -4.47 14.41 -11.30
CA VAL D 179 -3.34 13.85 -10.56
C VAL D 179 -2.24 14.91 -10.45
N HIS D 180 -1.72 15.09 -9.24
CA HIS D 180 -0.65 16.05 -9.00
C HIS D 180 0.66 15.34 -9.28
N ILE D 181 1.16 15.51 -10.50
CA ILE D 181 2.27 14.68 -10.98
C ILE D 181 3.64 15.21 -10.59
N TRP D 182 3.77 16.53 -10.49
CA TRP D 182 4.99 17.11 -9.93
C TRP D 182 4.70 18.32 -9.07
N GLU D 183 5.65 18.65 -8.20
CA GLU D 183 5.54 19.80 -7.33
C GLU D 183 6.93 20.34 -7.01
N SER D 184 7.08 21.66 -7.09
CA SER D 184 8.38 22.29 -6.95
C SER D 184 9.07 21.98 -5.63
N SER D 185 8.31 21.93 -4.54
CA SER D 185 8.89 21.68 -3.23
C SER D 185 9.17 20.19 -2.96
N ALA D 186 8.65 19.31 -3.80
CA ALA D 186 8.80 17.88 -3.56
C ALA D 186 10.24 17.41 -3.81
N VAL D 187 10.80 16.68 -2.86
CA VAL D 187 12.14 16.10 -3.03
C VAL D 187 12.08 14.87 -3.93
N VAL D 188 11.02 14.09 -3.80
CA VAL D 188 10.79 12.94 -4.66
C VAL D 188 9.38 12.93 -5.19
N ALA D 189 9.25 12.82 -6.51
CA ALA D 189 7.97 12.64 -7.16
C ALA D 189 8.08 11.38 -8.00
N SER D 190 7.14 10.47 -7.83
CA SER D 190 7.22 9.20 -8.52
C SER D 190 5.84 8.73 -8.94
N PHE D 191 5.78 7.97 -10.02
CA PHE D 191 4.56 7.27 -10.39
C PHE D 191 4.86 5.89 -10.97
N ASP D 192 3.86 5.04 -10.89
CA ASP D 192 3.99 3.66 -11.31
C ASP D 192 2.63 3.26 -11.87
N ALA D 193 2.63 2.61 -13.03
CA ALA D 193 1.37 2.15 -13.61
C ALA D 193 1.52 0.72 -14.09
N THR D 194 0.41 -0.02 -14.03
CA THR D 194 0.36 -1.38 -14.54
C THR D 194 -0.99 -1.62 -15.22
N PHE D 195 -0.97 -2.35 -16.31
CA PHE D 195 -2.21 -2.85 -16.90
C PHE D 195 -2.00 -4.20 -17.56
N THR D 196 -3.06 -5.00 -17.57
CA THR D 196 -3.03 -6.25 -18.31
C THR D 196 -3.95 -6.08 -19.49
N PHE D 197 -3.53 -6.62 -20.62
CA PHE D 197 -4.24 -6.41 -21.86
C PHE D 197 -4.38 -7.73 -22.61
N LEU D 198 -5.38 -7.79 -23.47
CA LEU D 198 -5.59 -8.96 -24.31
C LEU D 198 -5.83 -8.46 -25.74
N ILE D 199 -4.81 -8.59 -26.57
CA ILE D 199 -4.92 -8.24 -27.97
C ILE D 199 -5.06 -9.50 -28.80
N LYS D 200 -6.17 -9.63 -29.51
CA LYS D 200 -6.32 -10.75 -30.45
C LYS D 200 -6.83 -10.27 -31.81
N SER D 201 -6.37 -10.93 -32.85
CA SER D 201 -6.73 -10.55 -34.21
C SER D 201 -6.85 -11.79 -35.09
N SER D 202 -7.59 -11.65 -36.19
CA SER D 202 -7.66 -12.67 -37.21
C SER D 202 -7.18 -12.07 -38.52
N ASP D 203 -6.55 -10.91 -38.43
CA ASP D 203 -6.00 -10.22 -39.59
C ASP D 203 -4.61 -10.74 -39.91
N SER D 204 -4.16 -10.49 -41.12
CA SER D 204 -2.79 -10.79 -41.49
C SER D 204 -1.85 -9.87 -40.71
N HIS D 205 -2.34 -8.69 -40.36
CA HIS D 205 -1.57 -7.71 -39.58
C HIS D 205 -2.44 -7.05 -38.52
N PRO D 206 -2.18 -7.36 -37.25
CA PRO D 206 -2.89 -6.66 -36.17
C PRO D 206 -2.47 -5.19 -36.09
N ALA D 207 -3.41 -4.34 -35.72
CA ALA D 207 -3.17 -2.90 -35.62
C ALA D 207 -4.27 -2.26 -34.77
N ASP D 208 -3.97 -1.13 -34.12
CA ASP D 208 -2.69 -0.44 -34.26
C ASP D 208 -1.92 -0.36 -32.95
N GLY D 209 -2.59 -0.69 -31.84
CA GLY D 209 -1.91 -0.74 -30.57
C GLY D 209 -2.64 -0.14 -29.37
N ILE D 210 -1.94 -0.12 -28.24
CA ILE D 210 -2.47 0.38 -26.98
C ILE D 210 -1.43 1.29 -26.36
N ALA D 211 -1.86 2.31 -25.63
CA ALA D 211 -0.93 3.18 -24.93
C ALA D 211 -1.43 3.58 -23.56
N PHE D 212 -0.50 3.65 -22.62
CA PHE D 212 -0.74 4.36 -21.37
C PHE D 212 -0.23 5.76 -21.57
N PHE D 213 -1.00 6.75 -21.13
CA PHE D 213 -0.57 8.13 -21.33
C PHE D 213 -0.92 9.03 -20.16
N ILE D 214 -0.16 10.12 -20.06
CA ILE D 214 -0.42 11.18 -19.12
C ILE D 214 -0.58 12.46 -19.92
N SER D 215 -1.64 13.21 -19.65
CA SER D 215 -1.92 14.42 -20.44
C SER D 215 -2.43 15.55 -19.57
N ASN D 216 -2.53 16.73 -20.17
CA ASN D 216 -3.23 17.84 -19.54
C ASN D 216 -4.62 17.37 -19.13
N ILE D 217 -5.15 17.94 -18.06
CA ILE D 217 -6.39 17.47 -17.45
C ILE D 217 -7.58 17.46 -18.41
N ASP D 218 -7.62 18.42 -19.32
CA ASP D 218 -8.77 18.58 -20.22
C ASP D 218 -8.51 17.95 -21.60
N SER D 219 -7.74 16.87 -21.61
CA SER D 219 -7.38 16.19 -22.84
C SER D 219 -8.55 15.41 -23.44
N SER D 220 -8.69 15.51 -24.76
CA SER D 220 -9.70 14.76 -25.49
C SER D 220 -9.05 14.15 -26.73
N ILE D 221 -9.78 13.27 -27.41
CA ILE D 221 -9.27 12.63 -28.63
C ILE D 221 -9.11 13.66 -29.75
N PRO D 222 -7.89 13.79 -30.27
CA PRO D 222 -7.64 14.69 -31.39
C PRO D 222 -8.35 14.19 -32.64
N SER D 223 -8.82 15.13 -33.47
CA SER D 223 -9.53 14.78 -34.70
C SER D 223 -8.66 13.94 -35.64
N GLY D 224 -9.23 12.88 -36.17
CA GLY D 224 -8.52 12.00 -37.10
C GLY D 224 -7.29 11.32 -36.52
N SER D 225 -7.36 10.94 -35.25
CA SER D 225 -6.23 10.29 -34.59
C SER D 225 -6.38 8.77 -34.50
N THR D 226 -7.23 8.19 -35.35
CA THR D 226 -7.38 6.74 -35.39
C THR D 226 -6.14 6.11 -36.02
N GLY D 227 -6.09 4.79 -36.06
CA GLY D 227 -4.98 4.09 -36.69
C GLY D 227 -3.63 4.41 -36.09
N ARG D 228 -2.71 4.89 -36.92
CA ARG D 228 -1.32 5.04 -36.51
C ARG D 228 -1.07 6.12 -35.45
N LEU D 229 -2.04 7.00 -35.20
CA LEU D 229 -1.85 8.09 -34.25
C LEU D 229 -2.30 7.74 -32.82
N LEU D 230 -2.89 6.56 -32.67
CA LEU D 230 -3.18 5.96 -31.36
C LEU D 230 -4.12 6.79 -30.49
N GLY D 231 -4.83 7.74 -31.09
CA GLY D 231 -5.78 8.55 -30.35
C GLY D 231 -5.11 9.58 -29.46
N LEU D 232 -3.80 9.73 -29.64
CA LEU D 232 -3.01 10.60 -28.78
C LEU D 232 -2.58 11.90 -29.48
N PHE D 233 -2.27 11.80 -30.76
CA PHE D 233 -1.69 12.91 -31.48
C PHE D 233 -2.53 13.30 -32.69
N PRO D 234 -2.58 14.61 -33.00
CA PRO D 234 -3.36 15.17 -34.11
C PRO D 234 -2.67 14.96 -35.46
N ASP D 235 -1.35 14.82 -35.42
CA ASP D 235 -0.55 14.60 -36.62
C ASP D 235 0.69 13.79 -36.27
N ALA D 236 1.59 13.62 -37.23
CA ALA D 236 2.77 12.79 -37.01
C ALA D 236 4.06 13.59 -36.88
N ASN D 237 3.94 14.87 -36.52
CA ASN D 237 5.13 15.71 -36.38
C ASN D 237 5.99 15.35 -35.18
#